data_3B77
#
_entry.id   3B77
#
_cell.length_a   150.990
_cell.length_b   150.990
_cell.length_c   76.219
_cell.angle_alpha   90.000
_cell.angle_beta   90.000
_cell.angle_gamma   90.000
#
_symmetry.space_group_name_H-M   'P 4'
#
loop_
_entity.id
_entity.type
_entity.pdbx_description
1 polymer 'Uncharacterized protein'
2 water water
#
_entity_poly.entity_id   1
_entity_poly.type   'polypeptide(L)'
_entity_poly.pdbx_seq_one_letter_code
;GSDIGQVIHPDDFDKAAADDYVLHEDGEKIYFLIKSKTDEYCFTNLALVHLDGESAVSSKRVLYRYPYAHYPIRHV
(MSE)FETAGTVDLDVEIKFEIGGKHYSIDVDKKQLEHVKDLYKALLAIAEKQYEGQK(MSE)LEFANSSLNHSVTILGG
LRQGD(MSE)NVPQTFKDLSQESFDWLQGHYYKWNQKDFGSFYEKYINN
;
_entity_poly.pdbx_strand_id   A,B,C,D,E,F
#
# COMPACT_ATOMS: atom_id res chain seq x y z
N ASP A 3 -31.46 18.14 38.37
CA ASP A 3 -31.63 17.06 39.42
C ASP A 3 -30.90 15.74 38.99
N ILE A 4 -30.34 15.01 39.95
CA ILE A 4 -29.43 13.87 39.64
C ILE A 4 -30.16 12.57 39.26
N GLY A 5 -29.72 11.96 38.15
CA GLY A 5 -30.44 10.83 37.58
C GLY A 5 -29.78 9.48 37.62
N GLN A 6 -30.60 8.45 37.42
CA GLN A 6 -30.15 7.05 37.46
C GLN A 6 -30.36 6.36 36.12
N VAL A 7 -29.33 5.71 35.62
CA VAL A 7 -29.46 4.88 34.45
C VAL A 7 -30.27 3.65 34.86
N ILE A 8 -31.39 3.42 34.17
CA ILE A 8 -32.25 2.30 34.47
C ILE A 8 -31.79 1.07 33.68
N HIS A 9 -31.90 -0.09 34.29
CA HIS A 9 -31.53 -1.35 33.66
C HIS A 9 -32.69 -1.75 32.72
N PRO A 10 -32.37 -2.32 31.54
CA PRO A 10 -33.34 -2.84 30.58
C PRO A 10 -34.52 -3.65 31.12
N ASP A 11 -34.29 -4.41 32.19
CA ASP A 11 -35.35 -5.21 32.82
C ASP A 11 -36.46 -4.36 33.39
N ASP A 12 -36.13 -3.13 33.76
CA ASP A 12 -37.08 -2.20 34.36
C ASP A 12 -37.59 -1.12 33.39
N PHE A 13 -37.42 -1.33 32.08
CA PHE A 13 -37.89 -0.36 31.11
C PHE A 13 -39.40 -0.34 31.09
N ASP A 14 -40.02 -1.52 31.07
CA ASP A 14 -41.49 -1.64 31.05
C ASP A 14 -42.19 -1.11 32.30
N LYS A 15 -41.44 -0.95 33.39
CA LYS A 15 -41.95 -0.38 34.64
C LYS A 15 -41.86 1.14 34.67
N ALA A 16 -41.24 1.74 33.66
CA ALA A 16 -41.04 3.19 33.63
C ALA A 16 -42.23 3.91 33.03
N ALA A 17 -42.48 5.12 33.52
CA ALA A 17 -43.57 5.94 33.01
C ALA A 17 -43.42 6.19 31.49
N ALA A 18 -42.17 6.35 31.04
CA ALA A 18 -41.84 6.60 29.65
C ALA A 18 -42.31 5.51 28.67
N ASP A 19 -42.38 4.26 29.14
CA ASP A 19 -42.74 3.12 28.28
C ASP A 19 -44.15 3.24 27.73
N ASP A 20 -45.02 3.96 28.41
CA ASP A 20 -46.39 4.17 27.95
C ASP A 20 -46.48 5.03 26.69
N TYR A 21 -45.46 5.85 26.48
CA TYR A 21 -45.43 6.80 25.37
C TYR A 21 -44.56 6.33 24.24
N VAL A 22 -43.95 5.16 24.40
CA VAL A 22 -43.12 4.60 23.33
C VAL A 22 -44.08 3.97 22.33
N LEU A 23 -43.80 4.16 21.05
CA LEU A 23 -44.66 3.64 19.99
C LEU A 23 -44.29 2.21 19.67
N HIS A 24 -44.59 1.33 20.61
CA HIS A 24 -44.37 -0.10 20.45
C HIS A 24 -45.06 -0.60 19.18
N GLU A 25 -46.18 0.01 18.86
CA GLU A 25 -46.95 -0.29 17.66
C GLU A 25 -46.11 -0.15 16.38
N ASP A 26 -45.19 0.82 16.37
CA ASP A 26 -44.30 1.02 15.23
C ASP A 26 -42.91 0.44 15.43
N GLY A 27 -42.76 -0.48 16.38
CA GLY A 27 -41.51 -1.15 16.65
C GLY A 27 -40.45 -0.28 17.33
N GLU A 28 -40.89 0.79 17.97
CA GLU A 28 -40.00 1.66 18.69
C GLU A 28 -39.54 0.96 19.98
N LYS A 29 -38.23 0.99 20.20
CA LYS A 29 -37.61 0.23 21.27
C LYS A 29 -36.71 1.16 22.11
N ILE A 30 -36.76 1.03 23.43
CA ILE A 30 -35.96 1.87 24.34
C ILE A 30 -34.56 1.32 24.47
N TYR A 31 -33.56 2.15 24.24
CA TYR A 31 -32.15 1.76 24.33
C TYR A 31 -31.43 2.37 25.52
N PHE A 32 -31.99 3.40 26.14
CA PHE A 32 -31.31 4.03 27.25
C PHE A 32 -32.31 4.90 27.98
N LEU A 33 -32.40 4.72 29.30
CA LEU A 33 -33.34 5.48 30.10
C LEU A 33 -32.60 6.00 31.32
N ILE A 34 -32.83 7.27 31.61
CA ILE A 34 -32.27 7.95 32.76
C ILE A 34 -33.48 8.52 33.48
N LYS A 35 -33.62 8.12 34.74
CA LYS A 35 -34.73 8.58 35.55
C LYS A 35 -34.19 9.39 36.71
N SER A 36 -34.74 10.58 36.86
CA SER A 36 -34.50 11.45 37.99
C SER A 36 -35.83 11.63 38.75
N LYS A 37 -35.73 12.34 39.86
CA LYS A 37 -36.88 12.66 40.69
C LYS A 37 -37.90 13.48 39.93
N THR A 38 -37.40 14.34 39.04
CA THR A 38 -38.23 15.29 38.30
C THR A 38 -38.38 15.00 36.80
N ASP A 39 -37.44 14.29 36.21
CA ASP A 39 -37.47 14.04 34.77
C ASP A 39 -37.26 12.57 34.44
N GLU A 40 -37.61 12.21 33.20
CA GLU A 40 -37.38 10.89 32.65
C GLU A 40 -36.93 11.05 31.19
N TYR A 41 -35.73 10.60 30.86
CA TYR A 41 -35.14 10.78 29.55
C TYR A 41 -35.02 9.44 28.85
N CYS A 42 -35.84 9.22 27.83
CA CYS A 42 -35.95 7.93 27.18
C CYS A 42 -35.41 8.01 25.78
N PHE A 43 -34.32 7.31 25.51
CA PHE A 43 -33.68 7.31 24.20
C PHE A 43 -34.06 6.03 23.45
N THR A 44 -34.82 6.19 22.37
CA THR A 44 -35.26 5.07 21.55
C THR A 44 -34.57 5.12 20.20
N ASN A 45 -34.84 4.12 19.35
CA ASN A 45 -34.30 4.07 18.01
C ASN A 45 -34.83 5.19 17.13
N LEU A 46 -36.00 5.73 17.45
CA LEU A 46 -36.62 6.77 16.65
C LEU A 46 -36.56 8.16 17.24
N ALA A 47 -36.49 8.29 18.56
CA ALA A 47 -36.64 9.61 19.21
C ALA A 47 -36.15 9.67 20.64
N LEU A 48 -36.05 10.92 21.12
CA LEU A 48 -35.90 11.23 22.56
C LEU A 48 -37.33 11.56 23.11
N VAL A 49 -37.77 10.73 24.06
CA VAL A 49 -39.04 10.91 24.73
C VAL A 49 -38.64 11.42 26.10
N HIS A 50 -39.15 12.60 26.46
CA HIS A 50 -38.78 13.27 27.68
C HIS A 50 -40.04 13.71 28.41
N LEU A 51 -40.15 13.22 29.64
CA LEU A 51 -41.22 13.57 30.56
C LEU A 51 -40.64 14.65 31.49
N ASP A 52 -40.99 15.92 31.26
CA ASP A 52 -40.39 17.06 31.99
C ASP A 52 -41.21 17.46 33.19
N GLY A 53 -40.63 17.32 34.38
CA GLY A 53 -41.27 17.78 35.61
C GLY A 53 -40.73 19.16 35.98
N GLU A 54 -41.54 20.19 35.74
CA GLU A 54 -41.17 21.58 36.05
C GLU A 54 -41.68 22.03 37.46
N SER A 55 -41.89 21.06 38.35
CA SER A 55 -42.26 21.33 39.74
C SER A 55 -41.42 20.46 40.72
N ALA A 56 -41.27 20.93 41.95
CA ALA A 56 -40.55 20.20 42.99
C ALA A 56 -41.40 19.03 43.51
N SER A 59 -45.73 17.51 40.58
CA SER A 59 -45.71 16.13 40.11
C SER A 59 -46.22 15.90 38.65
N LYS A 60 -46.98 16.85 38.08
CA LYS A 60 -47.39 16.77 36.67
C LYS A 60 -46.14 16.73 35.79
N ARG A 61 -46.26 16.08 34.63
CA ARG A 61 -45.17 15.94 33.67
C ARG A 61 -45.59 16.38 32.29
N VAL A 62 -44.79 17.23 31.66
CA VAL A 62 -45.00 17.58 30.26
C VAL A 62 -44.26 16.56 29.39
N LEU A 63 -44.97 15.96 28.43
CA LEU A 63 -44.38 14.95 27.54
C LEU A 63 -43.89 15.61 26.26
N TYR A 64 -42.59 15.47 25.97
CA TYR A 64 -41.98 15.90 24.70
C TYR A 64 -41.57 14.71 23.88
N ARG A 65 -41.55 14.83 22.56
CA ARG A 65 -41.06 13.76 21.68
C ARG A 65 -40.33 14.37 20.49
N TYR A 66 -39.04 14.04 20.36
CA TYR A 66 -38.18 14.61 19.36
C TYR A 66 -37.64 13.49 18.50
N PRO A 67 -38.35 13.16 17.41
CA PRO A 67 -37.83 12.17 16.48
C PRO A 67 -36.55 12.69 15.85
N TYR A 68 -35.52 11.85 15.81
CA TYR A 68 -34.20 12.28 15.33
C TYR A 68 -34.30 12.89 13.94
N ALA A 69 -35.12 12.24 13.10
CA ALA A 69 -35.37 12.66 11.70
C ALA A 69 -35.79 14.11 11.54
N HIS A 70 -36.49 14.67 12.51
CA HIS A 70 -36.94 16.07 12.44
C HIS A 70 -36.20 16.95 13.42
N TYR A 71 -35.51 16.35 14.39
CA TYR A 71 -34.75 17.11 15.39
C TYR A 71 -33.35 16.53 15.46
N PRO A 72 -32.43 17.10 14.68
CA PRO A 72 -31.04 16.65 14.73
C PRO A 72 -30.26 16.88 16.03
N ILE A 73 -29.37 15.92 16.32
CA ILE A 73 -28.49 15.95 17.49
C ILE A 73 -27.21 16.62 17.11
N ARG A 74 -26.77 17.55 17.95
CA ARG A 74 -25.59 18.35 17.70
C ARG A 74 -24.95 18.72 19.02
N HIS A 75 -23.66 19.05 18.95
CA HIS A 75 -22.89 19.53 20.08
C HIS A 75 -22.94 18.61 21.28
N VAL A 76 -22.67 17.34 21.01
CA VAL A 76 -22.63 16.33 22.05
C VAL A 76 -21.38 16.52 22.93
N PHE A 78 -19.54 15.89 27.12
CA PHE A 78 -19.49 15.07 28.34
C PHE A 78 -18.58 15.70 29.36
N GLU A 79 -18.91 15.49 30.63
CA GLU A 79 -18.16 16.08 31.71
C GLU A 79 -18.09 15.04 32.84
N THR A 80 -16.88 14.71 33.30
CA THR A 80 -16.72 13.67 34.32
C THR A 80 -16.86 14.29 35.69
N ALA A 81 -16.83 13.43 36.71
CA ALA A 81 -16.95 13.81 38.13
C ALA A 81 -15.60 13.92 38.83
N GLY A 82 -15.42 14.99 39.59
CA GLY A 82 -14.23 15.15 40.44
C GLY A 82 -14.33 14.27 41.66
N THR A 83 -13.38 14.41 42.58
CA THR A 83 -13.40 13.66 43.84
C THR A 83 -14.66 14.01 44.65
N VAL A 84 -14.94 15.30 44.76
CA VAL A 84 -16.07 15.80 45.58
C VAL A 84 -17.47 15.69 44.92
N ASP A 85 -17.52 15.53 43.60
CA ASP A 85 -18.78 15.51 42.85
C ASP A 85 -19.47 14.15 42.85
N LEU A 86 -20.81 14.17 42.79
CA LEU A 86 -21.64 12.95 42.76
C LEU A 86 -22.19 12.58 41.36
N ASP A 87 -22.00 13.47 40.39
CA ASP A 87 -22.57 13.28 39.07
C ASP A 87 -21.61 13.52 37.89
N VAL A 88 -21.96 12.88 36.78
CA VAL A 88 -21.33 13.13 35.48
C VAL A 88 -22.42 13.83 34.67
N GLU A 89 -22.06 14.77 33.80
CA GLU A 89 -23.04 15.52 33.03
C GLU A 89 -22.86 15.26 31.54
N ILE A 90 -23.96 14.91 30.87
CA ILE A 90 -23.98 14.73 29.41
C ILE A 90 -24.83 15.85 28.83
N LYS A 91 -24.34 16.44 27.76
CA LYS A 91 -25.02 17.53 27.10
C LYS A 91 -25.16 17.27 25.60
N PHE A 92 -26.17 17.90 25.03
CA PHE A 92 -26.41 17.90 23.59
C PHE A 92 -27.55 18.85 23.28
N GLU A 93 -27.74 19.07 21.98
CA GLU A 93 -28.81 19.89 21.48
C GLU A 93 -29.58 19.05 20.49
N ILE A 94 -30.89 19.00 20.66
CA ILE A 94 -31.77 18.19 19.81
C ILE A 94 -32.79 19.17 19.22
N GLY A 95 -32.82 19.24 17.89
CA GLY A 95 -33.45 20.39 17.23
C GLY A 95 -32.50 21.48 17.67
N GLY A 96 -33.01 22.55 18.28
CA GLY A 96 -32.14 23.57 18.83
C GLY A 96 -32.16 23.61 20.34
N LYS A 97 -32.91 22.69 20.95
CA LYS A 97 -33.09 22.67 22.40
C LYS A 97 -31.87 22.06 23.15
N HIS A 98 -31.43 22.78 24.18
CA HIS A 98 -30.30 22.37 25.01
C HIS A 98 -30.69 21.33 26.04
N TYR A 99 -29.91 20.26 26.12
CA TYR A 99 -30.12 19.22 27.10
C TYR A 99 -28.86 19.02 27.87
N SER A 100 -28.99 19.10 29.19
CA SER A 100 -27.91 18.84 30.10
C SER A 100 -28.48 17.89 31.12
N ILE A 101 -27.93 16.69 31.20
CA ILE A 101 -28.45 15.66 32.10
C ILE A 101 -27.37 15.20 33.07
N ASP A 102 -27.64 15.33 34.38
CA ASP A 102 -26.73 14.90 35.44
C ASP A 102 -27.04 13.47 35.85
N VAL A 103 -26.02 12.63 35.93
CA VAL A 103 -26.20 11.21 36.18
C VAL A 103 -25.24 10.73 37.27
N ASP A 104 -25.74 9.83 38.12
CA ASP A 104 -24.98 9.20 39.18
C ASP A 104 -23.61 8.75 38.68
N LYS A 105 -22.55 9.32 39.25
CA LYS A 105 -21.20 8.99 38.80
C LYS A 105 -20.90 7.51 38.87
N LYS A 106 -21.61 6.79 39.74
CA LYS A 106 -21.47 5.34 39.83
C LYS A 106 -21.68 4.67 38.46
N GLN A 107 -22.58 5.22 37.66
CA GLN A 107 -22.92 4.59 36.40
C GLN A 107 -22.20 5.20 35.20
N LEU A 108 -21.03 5.79 35.42
CA LEU A 108 -20.23 6.41 34.35
C LEU A 108 -20.04 5.49 33.15
N GLU A 109 -19.79 4.20 33.42
CA GLU A 109 -19.56 3.23 32.36
C GLU A 109 -20.69 3.29 31.34
N HIS A 110 -21.90 3.54 31.80
CA HIS A 110 -23.08 3.55 30.93
C HIS A 110 -23.31 4.87 30.22
N VAL A 111 -23.14 5.97 30.97
CA VAL A 111 -23.28 7.30 30.40
C VAL A 111 -22.24 7.53 29.31
N LYS A 112 -21.04 6.97 29.48
CA LYS A 112 -20.01 7.11 28.48
C LYS A 112 -20.46 6.39 27.21
N ASP A 113 -21.21 5.29 27.33
CA ASP A 113 -21.70 4.62 26.13
C ASP A 113 -22.76 5.46 25.39
N LEU A 114 -23.57 6.20 26.14
CA LEU A 114 -24.55 7.08 25.54
C LEU A 114 -23.84 8.23 24.81
N TYR A 115 -22.83 8.79 25.46
CA TYR A 115 -22.02 9.84 24.88
C TYR A 115 -21.55 9.39 23.51
N LYS A 116 -20.98 8.18 23.42
CA LYS A 116 -20.49 7.67 22.14
C LYS A 116 -21.59 7.55 21.13
N ALA A 117 -22.72 6.97 21.53
CA ALA A 117 -23.89 6.77 20.63
C ALA A 117 -24.40 8.07 20.02
N LEU A 118 -24.66 9.05 20.87
CA LEU A 118 -25.15 10.37 20.45
C LEU A 118 -24.17 11.07 19.49
N LEU A 119 -22.89 10.96 19.81
CA LEU A 119 -21.78 11.52 18.99
C LEU A 119 -21.82 10.91 17.57
N ALA A 120 -22.06 9.61 17.50
CA ALA A 120 -22.13 8.89 16.25
C ALA A 120 -23.39 9.29 15.47
N ILE A 121 -24.51 9.45 16.17
CA ILE A 121 -25.77 9.90 15.53
C ILE A 121 -25.58 11.31 14.95
N ALA A 122 -25.08 12.24 15.76
CA ALA A 122 -24.85 13.61 15.29
C ALA A 122 -24.03 13.61 14.00
N GLU A 123 -23.00 12.78 13.96
CA GLU A 123 -22.15 12.75 12.79
C GLU A 123 -22.87 12.24 11.55
N LYS A 124 -23.60 11.16 11.68
CA LYS A 124 -24.33 10.56 10.56
C LYS A 124 -25.31 11.56 9.99
N GLN A 125 -25.97 12.32 10.87
CA GLN A 125 -26.95 13.33 10.47
C GLN A 125 -26.24 14.40 9.72
N TYR A 126 -25.12 14.87 10.27
CA TYR A 126 -24.33 15.95 9.65
C TYR A 126 -23.91 15.58 8.22
N GLU A 127 -23.37 14.39 8.11
CA GLU A 127 -22.90 13.93 6.84
C GLU A 127 -24.06 13.85 5.86
N GLY A 128 -25.20 13.36 6.32
CA GLY A 128 -26.39 13.30 5.50
C GLY A 128 -26.80 14.64 4.95
N GLN A 129 -26.69 15.70 5.76
CA GLN A 129 -27.05 17.03 5.27
C GLN A 129 -26.15 17.45 4.13
N LYS A 130 -24.87 17.03 4.19
CA LYS A 130 -23.93 17.34 3.11
C LYS A 130 -24.31 16.59 1.83
N LEU A 132 -27.41 15.55 1.02
CA LEU A 132 -28.62 16.17 0.46
C LEU A 132 -28.26 17.32 -0.47
N GLU A 133 -27.38 18.20 0.01
CA GLU A 133 -26.87 19.33 -0.77
C GLU A 133 -26.33 18.89 -2.11
N PHE A 134 -25.49 17.87 -2.14
CA PHE A 134 -24.98 17.37 -3.42
C PHE A 134 -26.09 16.78 -4.29
N ALA A 135 -27.05 16.14 -3.61
CA ALA A 135 -28.20 15.52 -4.30
C ALA A 135 -28.99 16.58 -5.06
N ASN A 136 -29.20 17.74 -4.42
CA ASN A 136 -29.98 18.80 -5.02
C ASN A 136 -29.22 19.49 -6.12
N SER A 137 -27.94 19.75 -5.85
CA SER A 137 -27.07 20.36 -6.84
C SER A 137 -26.94 19.52 -8.08
N SER A 138 -26.87 18.19 -7.91
CA SER A 138 -26.77 17.31 -9.07
C SER A 138 -28.05 17.40 -9.90
N LEU A 139 -29.18 17.63 -9.22
CA LEU A 139 -30.47 17.69 -9.91
C LEU A 139 -30.51 18.90 -10.84
N ASN A 140 -30.06 20.01 -10.31
CA ASN A 140 -29.90 21.21 -11.12
C ASN A 140 -28.91 21.00 -12.27
N HIS A 141 -27.75 20.41 -12.02
CA HIS A 141 -26.81 20.29 -13.14
C HIS A 141 -27.48 19.53 -14.32
N SER A 142 -28.26 18.50 -14.04
CA SER A 142 -28.99 17.81 -15.11
C SER A 142 -30.01 18.71 -15.84
N VAL A 143 -30.76 19.47 -15.07
CA VAL A 143 -31.77 20.37 -15.62
C VAL A 143 -31.06 21.32 -16.60
N THR A 144 -30.00 21.95 -16.11
CA THR A 144 -29.16 22.80 -16.98
C THR A 144 -28.60 22.07 -18.20
N ILE A 145 -28.02 20.89 -18.00
CA ILE A 145 -27.40 20.20 -19.16
C ILE A 145 -28.47 19.83 -20.17
N LEU A 146 -29.57 19.25 -19.71
CA LEU A 146 -30.66 18.78 -20.58
C LEU A 146 -31.64 19.85 -21.08
N GLY A 147 -31.61 21.08 -20.58
CA GLY A 147 -32.41 22.14 -21.18
C GLY A 147 -32.28 22.18 -22.71
N GLY A 148 -33.35 22.61 -23.38
CA GLY A 148 -33.32 22.88 -24.83
C GLY A 148 -33.01 21.72 -25.73
N LEU A 149 -34.03 20.89 -25.95
CA LEU A 149 -33.91 19.62 -26.71
C LEU A 149 -34.66 19.66 -28.05
N ARG A 150 -34.60 18.56 -28.80
CA ARG A 150 -35.39 18.41 -30.04
C ARG A 150 -36.33 17.19 -29.90
N GLN A 151 -37.41 17.17 -30.68
CA GLN A 151 -38.44 16.13 -30.58
C GLN A 151 -37.98 14.73 -31.09
N GLY A 152 -37.31 14.67 -32.24
CA GLY A 152 -36.90 13.37 -32.75
C GLY A 152 -38.02 12.34 -32.63
N ASP A 153 -37.69 11.15 -32.12
CA ASP A 153 -38.69 10.08 -31.95
C ASP A 153 -39.34 10.19 -30.57
N ASN A 155 -42.40 10.87 -27.78
CA ASN A 155 -43.76 11.03 -27.30
C ASN A 155 -43.71 12.15 -26.23
N VAL A 156 -44.04 13.36 -26.62
CA VAL A 156 -43.81 14.50 -25.68
C VAL A 156 -44.52 14.38 -24.32
N PRO A 157 -45.81 14.01 -24.30
CA PRO A 157 -46.52 13.92 -23.00
C PRO A 157 -46.03 12.80 -22.09
N GLN A 158 -45.74 11.63 -22.67
CA GLN A 158 -45.17 10.49 -21.92
C GLN A 158 -43.81 10.84 -21.35
N THR A 159 -42.99 11.48 -22.17
CA THR A 159 -41.67 11.91 -21.80
C THR A 159 -41.84 12.96 -20.69
N PHE A 160 -42.83 13.83 -20.81
CA PHE A 160 -43.10 14.89 -19.78
C PHE A 160 -43.51 14.27 -18.45
N LYS A 161 -44.33 13.22 -18.50
CA LYS A 161 -44.76 12.47 -17.31
C LYS A 161 -43.57 11.82 -16.60
N ASP A 162 -42.92 10.94 -17.38
CA ASP A 162 -41.76 10.15 -16.94
C ASP A 162 -40.63 11.08 -16.34
N LEU A 163 -40.52 12.32 -16.84
CA LEU A 163 -39.44 13.21 -16.42
C LEU A 163 -39.78 13.85 -15.09
N SER A 164 -41.06 14.12 -14.93
CA SER A 164 -41.61 14.61 -13.69
C SER A 164 -41.41 13.55 -12.61
N GLN A 165 -41.61 12.28 -12.97
CA GLN A 165 -41.44 11.18 -12.02
C GLN A 165 -39.99 11.08 -11.59
N GLU A 166 -39.08 10.83 -12.56
CA GLU A 166 -37.64 10.82 -12.24
C GLU A 166 -37.29 11.96 -11.26
N SER A 167 -37.63 13.18 -11.58
CA SER A 167 -37.28 14.27 -10.65
C SER A 167 -37.86 13.98 -9.26
N PHE A 168 -39.13 13.62 -9.19
CA PHE A 168 -39.78 13.30 -7.93
C PHE A 168 -39.07 12.23 -7.16
N ASP A 169 -38.81 11.11 -7.83
CA ASP A 169 -38.09 10.01 -7.19
C ASP A 169 -36.74 10.39 -6.62
N TRP A 170 -35.98 11.16 -7.37
CA TRP A 170 -34.69 11.60 -6.92
C TRP A 170 -34.87 12.52 -5.68
N LEU A 171 -35.75 13.50 -5.74
CA LEU A 171 -35.87 14.41 -4.59
C LEU A 171 -36.30 13.63 -3.37
N GLN A 172 -37.16 12.65 -3.62
CA GLN A 172 -37.76 11.88 -2.56
C GLN A 172 -36.83 10.85 -1.99
N GLY A 173 -36.25 10.04 -2.88
CA GLY A 173 -35.31 9.00 -2.48
C GLY A 173 -34.23 9.62 -1.60
N HIS A 174 -33.69 10.74 -2.02
CA HIS A 174 -32.62 11.36 -1.30
C HIS A 174 -33.08 11.94 0.03
N TYR A 175 -34.28 12.53 0.06
CA TYR A 175 -34.85 13.04 1.30
C TYR A 175 -34.90 11.91 2.36
N TYR A 176 -35.43 10.75 1.99
CA TYR A 176 -35.53 9.66 2.94
C TYR A 176 -34.22 8.93 3.20
N LYS A 177 -33.30 8.99 2.27
CA LYS A 177 -32.00 8.37 2.52
C LYS A 177 -31.12 9.16 3.50
N TRP A 178 -31.09 10.48 3.37
CA TRP A 178 -30.19 11.29 4.13
C TRP A 178 -30.85 11.94 5.35
N ASN A 179 -32.16 11.74 5.54
CA ASN A 179 -32.86 12.06 6.79
C ASN A 179 -33.37 10.75 7.35
N GLN A 180 -32.48 9.83 7.68
CA GLN A 180 -32.91 8.53 8.19
C GLN A 180 -33.68 8.63 9.51
N LYS A 181 -34.63 7.73 9.69
CA LYS A 181 -35.50 7.77 10.87
C LYS A 181 -34.95 6.98 12.05
N ASP A 182 -34.35 5.84 11.72
CA ASP A 182 -33.94 4.86 12.69
C ASP A 182 -32.41 4.82 12.92
N PHE A 183 -32.04 4.89 14.19
CA PHE A 183 -30.66 4.91 14.65
C PHE A 183 -30.48 3.86 15.73
N GLY A 184 -31.27 2.80 15.67
CA GLY A 184 -31.15 1.73 16.63
C GLY A 184 -29.76 1.11 16.62
N SER A 185 -29.23 0.87 15.42
CA SER A 185 -27.95 0.20 15.25
C SER A 185 -26.84 1.00 15.90
N PHE A 186 -27.04 2.31 16.00
CA PHE A 186 -26.05 3.14 16.68
C PHE A 186 -26.03 2.93 18.20
N TYR A 187 -27.18 2.75 18.82
CA TYR A 187 -27.24 2.42 20.23
C TYR A 187 -26.81 0.97 20.43
N GLU A 188 -27.23 0.11 19.52
CA GLU A 188 -26.87 -1.31 19.56
C GLU A 188 -25.36 -1.48 19.58
N LYS A 189 -24.66 -0.68 18.77
CA LYS A 189 -23.21 -0.78 18.63
C LYS A 189 -22.43 -0.39 19.87
N TYR A 190 -22.91 0.63 20.57
CA TYR A 190 -22.21 1.18 21.73
C TYR A 190 -22.77 0.82 23.10
N ILE A 191 -24.04 0.44 23.18
CA ILE A 191 -24.64 0.05 24.48
C ILE A 191 -24.42 -1.42 24.84
N ASN A 192 -24.15 -2.27 23.85
CA ASN A 192 -23.77 -3.70 24.08
C ASN A 192 -23.51 -4.09 25.54
N ASP B 3 0.35 22.56 31.85
CA ASP B 3 0.93 21.63 32.87
C ASP B 3 1.77 20.53 32.20
N ILE B 4 3.03 20.36 32.63
CA ILE B 4 4.00 19.49 31.92
C ILE B 4 3.60 18.02 31.87
N GLY B 5 3.43 17.56 30.64
CA GLY B 5 2.95 16.25 30.38
C GLY B 5 4.01 15.22 30.07
N GLN B 6 3.54 13.97 30.02
CA GLN B 6 4.35 12.78 29.83
C GLN B 6 3.80 12.00 28.65
N VAL B 7 4.67 11.66 27.71
CA VAL B 7 4.30 10.81 26.59
C VAL B 7 4.14 9.43 27.15
N ILE B 8 2.96 8.85 26.95
CA ILE B 8 2.65 7.55 27.51
C ILE B 8 3.08 6.44 26.54
N HIS B 9 3.48 5.33 27.10
CA HIS B 9 3.90 4.17 26.32
C HIS B 9 2.67 3.39 25.86
N PRO B 10 2.68 2.94 24.60
CA PRO B 10 1.59 2.14 24.00
C PRO B 10 0.95 1.05 24.85
N ASP B 11 1.75 0.39 25.68
CA ASP B 11 1.26 -0.70 26.53
C ASP B 11 0.42 -0.18 27.68
N ASP B 12 0.55 1.10 27.98
CA ASP B 12 -0.24 1.73 29.03
C ASP B 12 -1.40 2.56 28.50
N PHE B 13 -1.73 2.40 27.22
CA PHE B 13 -2.83 3.16 26.62
C PHE B 13 -4.16 2.71 27.19
N ASP B 14 -4.34 1.40 27.30
CA ASP B 14 -5.56 0.84 27.88
C ASP B 14 -5.78 1.22 29.35
N LYS B 15 -4.75 1.72 30.01
CA LYS B 15 -4.83 2.20 31.40
C LYS B 15 -5.17 3.69 31.50
N ALA B 16 -5.22 4.41 30.38
CA ALA B 16 -5.51 5.84 30.41
C ALA B 16 -7.02 6.12 30.35
N ALA B 17 -7.43 7.22 30.97
CA ALA B 17 -8.82 7.62 31.00
C ALA B 17 -9.39 7.86 29.60
N ALA B 18 -8.52 8.25 28.68
CA ALA B 18 -8.90 8.60 27.31
C ALA B 18 -9.35 7.39 26.53
N ASP B 19 -8.82 6.22 26.84
CA ASP B 19 -9.17 4.98 26.13
C ASP B 19 -10.63 4.64 26.23
N ASP B 20 -11.28 5.11 27.29
CA ASP B 20 -12.71 4.85 27.46
C ASP B 20 -13.52 5.57 26.39
N TYR B 21 -12.97 6.64 25.83
CA TYR B 21 -13.69 7.46 24.88
C TYR B 21 -13.25 7.24 23.44
N VAL B 22 -12.29 6.35 23.22
CA VAL B 22 -11.87 6.02 21.86
C VAL B 22 -12.95 5.09 21.31
N LEU B 23 -13.28 5.23 20.04
CA LEU B 23 -14.31 4.43 19.40
C LEU B 23 -13.70 3.16 18.87
N HIS B 24 -13.30 2.28 19.78
CA HIS B 24 -12.78 0.97 19.41
C HIS B 24 -13.75 0.23 18.51
N GLU B 25 -15.05 0.47 18.71
CA GLU B 25 -16.06 -0.20 17.92
C GLU B 25 -15.96 0.09 16.43
N ASP B 26 -15.38 1.24 16.07
CA ASP B 26 -15.15 1.61 14.68
C ASP B 26 -13.70 1.53 14.28
N GLY B 27 -12.90 0.78 15.03
CA GLY B 27 -11.49 0.57 14.69
C GLY B 27 -10.59 1.77 14.91
N GLU B 28 -11.03 2.69 15.76
CA GLU B 28 -10.20 3.82 16.13
C GLU B 28 -9.08 3.33 17.06
N LYS B 29 -7.84 3.71 16.76
CA LYS B 29 -6.65 3.24 17.46
C LYS B 29 -5.83 4.47 17.91
N ILE B 30 -5.31 4.43 19.14
CA ILE B 30 -4.51 5.54 19.71
C ILE B 30 -3.11 5.39 19.19
N TYR B 31 -2.57 6.47 18.67
CA TYR B 31 -1.21 6.49 18.16
C TYR B 31 -0.27 7.34 19.00
N PHE B 32 -0.80 8.19 19.89
CA PHE B 32 0.04 9.05 20.69
C PHE B 32 -0.79 9.61 21.83
N LEU B 33 -0.29 9.52 23.05
CA LEU B 33 -1.03 10.03 24.20
C LEU B 33 -0.06 10.77 25.10
N ILE B 34 -0.43 11.98 25.50
CA ILE B 34 0.32 12.78 26.44
C ILE B 34 -0.62 12.93 27.60
N LYS B 35 -0.16 12.60 28.81
CA LYS B 35 -0.95 12.78 30.00
C LYS B 35 -0.23 13.79 30.91
N SER B 36 -0.97 14.77 31.39
CA SER B 36 -0.47 15.71 32.36
C SER B 36 -1.37 15.53 33.61
N LYS B 37 -1.10 16.30 34.66
CA LYS B 37 -1.90 16.21 35.89
C LYS B 37 -3.32 16.77 35.70
N THR B 38 -3.49 17.71 34.76
CA THR B 38 -4.79 18.31 34.45
C THR B 38 -5.40 17.84 33.14
N ASP B 39 -4.59 17.56 32.13
CA ASP B 39 -5.12 17.25 30.80
C ASP B 39 -4.72 15.88 30.24
N GLU B 40 -5.37 15.47 29.16
CA GLU B 40 -5.03 14.24 28.49
C GLU B 40 -5.29 14.43 26.99
N TYR B 41 -4.23 14.37 26.18
CA TYR B 41 -4.30 14.59 24.75
C TYR B 41 -4.07 13.26 24.03
N CYS B 42 -5.11 12.77 23.38
CA CYS B 42 -5.11 11.46 22.74
C CYS B 42 -5.28 11.58 21.25
N PHE B 43 -4.21 11.29 20.51
CA PHE B 43 -4.17 11.38 19.05
C PHE B 43 -4.42 10.01 18.43
N THR B 44 -5.56 9.87 17.76
CA THR B 44 -5.97 8.62 17.13
C THR B 44 -5.96 8.79 15.61
N ASN B 45 -6.27 7.72 14.89
CA ASN B 45 -6.31 7.76 13.43
C ASN B 45 -7.41 8.67 12.91
N LEU B 46 -8.42 8.88 13.74
CA LEU B 46 -9.60 9.62 13.34
C LEU B 46 -9.74 10.99 13.96
N ALA B 47 -9.13 11.23 15.14
CA ALA B 47 -9.41 12.44 15.86
C ALA B 47 -8.41 12.75 16.97
N LEU B 48 -8.49 13.98 17.47
CA LEU B 48 -7.86 14.36 18.73
C LEU B 48 -8.95 14.25 19.77
N VAL B 49 -8.74 13.38 20.75
CA VAL B 49 -9.61 13.30 21.91
C VAL B 49 -8.86 13.98 23.03
N HIS B 50 -9.49 15.00 23.61
CA HIS B 50 -8.90 15.80 24.65
C HIS B 50 -9.78 15.74 25.89
N LEU B 51 -9.19 15.33 27.01
CA LEU B 51 -9.86 15.38 28.31
C LEU B 51 -9.27 16.59 29.02
N ASP B 52 -10.05 17.65 29.14
CA ASP B 52 -9.62 18.95 29.68
C ASP B 52 -10.01 19.15 31.13
N GLY B 53 -9.02 19.40 31.99
CA GLY B 53 -9.23 19.70 33.41
C GLY B 53 -8.49 20.97 33.84
N SER B 59 -12.21 18.21 40.06
CA SER B 59 -11.38 17.35 39.20
C SER B 59 -12.19 16.78 37.99
N LYS B 60 -13.23 17.54 37.59
CA LYS B 60 -14.02 17.26 36.41
C LYS B 60 -13.08 17.28 35.21
N ARG B 61 -13.50 16.58 34.15
CA ARG B 61 -12.83 16.66 32.86
C ARG B 61 -13.91 16.90 31.83
N VAL B 62 -13.70 17.89 30.95
CA VAL B 62 -14.57 18.10 29.79
C VAL B 62 -13.96 17.31 28.63
N LEU B 63 -14.78 16.49 27.99
CA LEU B 63 -14.36 15.68 26.86
C LEU B 63 -14.61 16.46 25.57
N TYR B 64 -13.60 16.51 24.72
CA TYR B 64 -13.71 17.09 23.39
C TYR B 64 -13.28 16.04 22.41
N ARG B 65 -13.88 16.06 21.23
CA ARG B 65 -13.45 15.20 20.15
C ARG B 65 -13.44 16.03 18.86
N TYR B 66 -12.29 16.05 18.19
CA TYR B 66 -12.12 16.80 16.97
C TYR B 66 -11.69 15.87 15.85
N PRO B 67 -12.66 15.24 15.17
CA PRO B 67 -12.26 14.39 14.04
C PRO B 67 -11.52 15.23 13.01
N TYR B 68 -10.44 14.70 12.46
CA TYR B 68 -9.61 15.46 11.51
C TYR B 68 -10.46 15.91 10.33
N ALA B 69 -11.36 15.05 9.88
CA ALA B 69 -12.22 15.34 8.72
C ALA B 69 -13.13 16.55 8.89
N HIS B 70 -13.42 16.96 10.11
CA HIS B 70 -14.24 18.17 10.34
C HIS B 70 -13.45 19.29 11.01
N TYR B 71 -12.25 18.99 11.48
CA TYR B 71 -11.44 20.01 12.13
C TYR B 71 -10.03 19.90 11.61
N PRO B 72 -9.67 20.69 10.58
CA PRO B 72 -8.34 20.64 10.02
C PRO B 72 -7.27 21.15 10.97
N ILE B 73 -6.12 20.49 10.91
CA ILE B 73 -4.90 20.87 11.62
C ILE B 73 -4.13 21.79 10.74
N ARG B 74 -3.71 22.91 11.34
CA ARG B 74 -2.96 23.96 10.71
C ARG B 74 -1.95 24.56 11.70
N HIS B 75 -0.98 25.28 11.15
CA HIS B 75 0.03 26.00 11.91
C HIS B 75 0.75 25.20 12.96
N VAL B 76 1.24 24.02 12.53
CA VAL B 76 1.98 23.12 13.40
C VAL B 76 3.35 23.68 13.67
N PHE B 78 6.83 23.87 16.74
CA PHE B 78 7.56 23.17 17.80
C PHE B 78 8.53 24.09 18.47
N GLU B 79 8.79 23.86 19.74
CA GLU B 79 9.64 24.72 20.53
C GLU B 79 10.44 23.84 21.48
N THR B 80 11.77 23.95 21.39
CA THR B 80 12.67 23.13 22.21
C THR B 80 12.86 23.75 23.58
N ALA B 81 13.52 23.02 24.47
CA ALA B 81 13.82 23.50 25.82
C ALA B 81 15.15 24.26 25.86
N GLY B 82 15.25 25.27 26.73
CA GLY B 82 16.54 25.91 27.06
C GLY B 82 17.18 25.16 28.22
N THR B 83 18.45 25.49 28.53
CA THR B 83 19.20 24.78 29.57
C THR B 83 18.35 24.72 30.85
N VAL B 84 17.67 25.82 31.12
CA VAL B 84 16.87 26.00 32.35
C VAL B 84 15.42 25.48 32.29
N ASP B 85 14.92 25.16 31.11
CA ASP B 85 13.53 24.71 30.97
C ASP B 85 13.41 23.22 31.10
N LEU B 86 12.28 22.77 31.63
CA LEU B 86 12.00 21.34 31.80
C LEU B 86 11.11 20.74 30.72
N ASP B 87 10.58 21.56 29.82
CA ASP B 87 9.66 21.11 28.79
C ASP B 87 9.97 21.57 27.37
N VAL B 88 9.38 20.85 26.42
CA VAL B 88 9.32 21.24 25.02
C VAL B 88 7.84 21.48 24.76
N GLU B 89 7.52 22.37 23.83
CA GLU B 89 6.12 22.70 23.54
C GLU B 89 5.78 22.43 22.07
N ILE B 90 4.73 21.65 21.85
CA ILE B 90 4.18 21.42 20.51
C ILE B 90 2.86 22.19 20.38
N LYS B 91 2.73 22.94 19.28
CA LYS B 91 1.57 23.77 19.06
C LYS B 91 0.96 23.45 17.72
N PHE B 92 -0.36 23.66 17.62
CA PHE B 92 -1.11 23.53 16.39
C PHE B 92 -2.50 24.09 16.56
N GLU B 93 -3.20 24.29 15.46
CA GLU B 93 -4.60 24.68 15.54
C GLU B 93 -5.44 23.60 14.94
N ILE B 94 -6.50 23.25 15.67
CA ILE B 94 -7.39 22.17 15.21
C ILE B 94 -8.77 22.76 15.14
N GLY B 95 -9.35 22.74 13.94
CA GLY B 95 -10.51 23.57 13.65
C GLY B 95 -9.83 24.91 13.77
N GLY B 96 -10.41 25.81 14.56
CA GLY B 96 -9.75 27.09 14.81
C GLY B 96 -9.11 27.14 16.19
N LYS B 97 -9.25 26.07 16.95
CA LYS B 97 -8.84 26.08 18.34
C LYS B 97 -7.33 25.96 18.48
N HIS B 98 -6.74 26.81 19.32
CA HIS B 98 -5.30 26.82 19.54
CA HIS B 98 -5.30 26.75 19.52
C HIS B 98 -4.91 25.83 20.66
N TYR B 99 -3.93 24.95 20.38
CA TYR B 99 -3.40 23.98 21.31
C TYR B 99 -1.92 24.20 21.45
N SER B 100 -1.47 24.21 22.68
CA SER B 100 -0.07 24.31 23.04
C SER B 100 0.11 23.26 24.12
N ILE B 101 0.97 22.27 23.90
CA ILE B 101 1.08 21.17 24.86
C ILE B 101 2.52 21.02 25.30
N ASP B 102 2.76 21.26 26.59
CA ASP B 102 4.07 21.17 27.21
C ASP B 102 4.40 19.73 27.56
N VAL B 103 5.56 19.26 27.16
CA VAL B 103 5.96 17.89 27.40
C VAL B 103 7.39 17.81 27.95
N ASP B 104 7.60 16.84 28.84
CA ASP B 104 8.87 16.54 29.45
C ASP B 104 10.01 16.52 28.41
N LYS B 105 10.98 17.42 28.55
CA LYS B 105 12.08 17.50 27.61
C LYS B 105 12.83 16.19 27.43
N LYS B 106 12.70 15.29 28.40
CA LYS B 106 13.35 13.98 28.31
C LYS B 106 12.77 13.16 27.16
N GLN B 107 11.52 13.40 26.82
CA GLN B 107 10.88 12.62 25.79
C GLN B 107 10.90 13.34 24.44
N LEU B 108 11.79 14.30 24.27
CA LEU B 108 11.86 15.06 23.00
C LEU B 108 11.79 14.18 21.78
N GLU B 109 12.47 13.04 21.80
CA GLU B 109 12.55 12.17 20.63
C GLU B 109 11.17 11.76 20.15
N HIS B 110 10.23 11.65 21.08
CA HIS B 110 8.88 11.24 20.76
C HIS B 110 8.07 12.42 20.28
N VAL B 111 8.15 13.54 20.97
CA VAL B 111 7.36 14.71 20.58
C VAL B 111 7.78 15.22 19.22
N LYS B 112 9.03 15.01 18.84
CA LYS B 112 9.48 15.45 17.54
C LYS B 112 8.78 14.61 16.47
N ASP B 113 8.49 13.34 16.77
CA ASP B 113 7.78 12.48 15.83
C ASP B 113 6.31 12.93 15.64
N LEU B 114 5.65 13.31 16.72
CA LEU B 114 4.31 13.86 16.66
C LEU B 114 4.34 15.11 15.80
N TYR B 115 5.32 15.97 16.02
CA TYR B 115 5.48 17.17 15.21
C TYR B 115 5.50 16.80 13.74
N LYS B 116 6.34 15.85 13.34
CA LYS B 116 6.43 15.46 11.94
C LYS B 116 5.11 14.91 11.42
N ALA B 117 4.41 14.11 12.19
CA ALA B 117 3.12 13.53 11.77
C ALA B 117 2.06 14.59 11.58
N LEU B 118 1.88 15.46 12.57
CA LEU B 118 0.89 16.53 12.49
C LEU B 118 1.17 17.46 11.32
N LEU B 119 2.44 17.67 11.04
CA LEU B 119 2.92 18.52 9.91
C LEU B 119 2.46 17.90 8.58
N ALA B 120 2.60 16.59 8.48
CA ALA B 120 2.22 15.81 7.30
C ALA B 120 0.71 15.77 7.18
N ILE B 121 0.02 15.69 8.30
CA ILE B 121 -1.44 15.67 8.27
C ILE B 121 -1.94 16.99 7.72
N ALA B 122 -1.46 18.08 8.31
CA ALA B 122 -1.84 19.44 7.94
C ALA B 122 -1.61 19.75 6.48
N GLU B 123 -0.50 19.28 5.94
CA GLU B 123 -0.22 19.50 4.54
C GLU B 123 -1.21 18.77 3.62
N LYS B 124 -1.48 17.50 3.92
CA LYS B 124 -2.41 16.65 3.13
C LYS B 124 -3.79 17.32 3.09
N GLN B 125 -4.18 17.88 4.23
CA GLN B 125 -5.50 18.51 4.34
C GLN B 125 -5.59 19.77 3.47
N TYR B 126 -4.53 20.56 3.50
CA TYR B 126 -4.42 21.76 2.71
C TYR B 126 -4.48 21.46 1.21
N GLU B 127 -3.69 20.48 0.83
CA GLU B 127 -3.59 20.11 -0.55
C GLU B 127 -4.96 19.63 -1.00
N GLY B 128 -5.65 18.86 -0.15
CA GLY B 128 -7.00 18.34 -0.42
C GLY B 128 -8.00 19.45 -0.64
N GLN B 129 -7.91 20.52 0.13
CA GLN B 129 -8.80 21.66 -0.10
C GLN B 129 -8.59 22.31 -1.47
N LYS B 130 -7.39 22.24 -2.02
CA LYS B 130 -7.13 22.75 -3.37
C LYS B 130 -7.72 21.81 -4.37
N LEU B 132 -10.23 19.95 -3.96
CA LEU B 132 -11.69 20.10 -3.93
C LEU B 132 -12.10 21.21 -4.87
N GLU B 133 -11.42 22.35 -4.73
CA GLU B 133 -11.63 23.47 -5.61
C GLU B 133 -11.55 23.03 -7.07
N PHE B 134 -10.50 22.34 -7.50
CA PHE B 134 -10.45 21.86 -8.92
C PHE B 134 -11.59 20.93 -9.34
N ALA B 135 -11.94 20.05 -8.41
CA ALA B 135 -13.01 19.11 -8.59
C ALA B 135 -14.32 19.87 -8.87
N ASN B 136 -14.56 20.97 -8.15
CA ASN B 136 -15.79 21.72 -8.33
C ASN B 136 -15.76 22.52 -9.60
N SER B 137 -14.63 23.21 -9.78
CA SER B 137 -14.43 23.96 -11.00
C SER B 137 -14.54 23.11 -12.22
N SER B 138 -14.08 21.86 -12.16
CA SER B 138 -14.19 20.93 -13.34
C SER B 138 -15.61 20.62 -13.58
N LEU B 139 -16.42 20.48 -12.50
CA LEU B 139 -17.83 20.05 -12.67
C LEU B 139 -18.56 21.06 -13.58
N ASN B 140 -18.39 22.28 -13.14
CA ASN B 140 -18.86 23.47 -13.87
C ASN B 140 -18.34 23.59 -15.27
N HIS B 141 -17.10 23.27 -15.53
CA HIS B 141 -16.65 23.36 -16.89
C HIS B 141 -17.43 22.37 -17.76
N SER B 142 -17.74 21.16 -17.27
CA SER B 142 -18.59 20.22 -18.06
C SER B 142 -19.99 20.77 -18.13
N VAL B 143 -20.48 21.46 -17.10
CA VAL B 143 -21.85 21.92 -17.22
C VAL B 143 -21.89 22.93 -18.37
N THR B 144 -21.01 23.92 -18.32
CA THR B 144 -20.88 24.84 -19.44
C THR B 144 -20.71 24.18 -20.83
N ILE B 145 -19.83 23.21 -20.96
CA ILE B 145 -19.55 22.64 -22.33
C ILE B 145 -20.76 21.87 -22.86
N LEU B 146 -21.35 21.10 -21.95
CA LEU B 146 -22.60 20.34 -22.16
C LEU B 146 -23.96 21.13 -22.11
N GLY B 147 -23.98 22.36 -21.57
CA GLY B 147 -25.11 23.29 -21.86
C GLY B 147 -25.79 23.11 -23.25
N GLY B 148 -27.13 23.13 -23.22
CA GLY B 148 -28.02 23.01 -24.42
C GLY B 148 -27.48 22.27 -25.62
N LEU B 149 -28.01 21.06 -25.85
CA LEU B 149 -27.52 20.14 -26.90
C LEU B 149 -28.48 19.89 -28.10
N ARG B 150 -29.21 18.78 -28.08
CA ARG B 150 -30.05 18.31 -29.18
C ARG B 150 -30.74 17.02 -28.76
N GLY B 152 -30.48 15.41 -31.23
CA GLY B 152 -29.97 14.05 -30.98
C GLY B 152 -30.95 13.13 -30.26
N ASP B 153 -31.11 11.89 -30.77
CA ASP B 153 -32.02 10.90 -30.15
C ASP B 153 -31.55 10.42 -28.78
N ASN B 155 -33.20 9.00 -24.65
CA ASN B 155 -34.21 8.69 -23.63
C ASN B 155 -34.08 9.78 -22.55
N VAL B 156 -34.78 10.87 -22.76
CA VAL B 156 -34.60 11.99 -21.90
C VAL B 156 -34.64 11.62 -20.41
N PRO B 157 -35.69 10.89 -19.94
CA PRO B 157 -35.83 10.67 -18.44
C PRO B 157 -34.74 9.78 -17.81
N GLN B 158 -34.31 8.75 -18.56
CA GLN B 158 -33.20 7.95 -18.12
C GLN B 158 -31.89 8.73 -18.11
N THR B 159 -31.66 9.50 -19.18
CA THR B 159 -30.46 10.33 -19.29
C THR B 159 -30.51 11.35 -18.11
N PHE B 160 -31.68 11.81 -17.74
CA PHE B 160 -31.78 12.85 -16.65
C PHE B 160 -31.36 12.22 -15.31
N LYS B 161 -31.79 10.98 -15.13
CA LYS B 161 -31.49 10.22 -13.89
C LYS B 161 -29.97 10.00 -13.71
N ASP B 162 -29.43 9.33 -14.76
CA ASP B 162 -28.04 8.94 -14.95
C ASP B 162 -27.12 10.09 -14.87
N LEU B 163 -27.48 11.17 -15.55
CA LEU B 163 -26.73 12.43 -15.46
C LEU B 163 -26.73 12.85 -14.00
N SER B 164 -27.87 12.82 -13.34
CA SER B 164 -27.93 13.35 -11.89
C SER B 164 -27.05 12.43 -11.02
N GLN B 165 -26.96 11.12 -11.40
CA GLN B 165 -26.12 10.20 -10.58
C GLN B 165 -24.64 10.55 -10.75
N GLU B 166 -24.21 10.68 -12.01
CA GLU B 166 -22.84 11.14 -12.25
C GLU B 166 -22.51 12.38 -11.42
N SER B 167 -23.31 13.42 -11.50
CA SER B 167 -22.90 14.60 -10.78
C SER B 167 -22.75 14.24 -9.31
N PHE B 168 -23.72 13.48 -8.79
CA PHE B 168 -23.67 13.08 -7.36
C PHE B 168 -22.43 12.27 -7.05
N ASP B 169 -22.13 11.28 -7.89
CA ASP B 169 -20.90 10.53 -7.66
C ASP B 169 -19.61 11.35 -7.70
N TRP B 170 -19.55 12.35 -8.58
CA TRP B 170 -18.40 13.21 -8.66
C TRP B 170 -18.35 14.02 -7.38
N LEU B 171 -19.43 14.68 -7.02
CA LEU B 171 -19.39 15.60 -5.84
C LEU B 171 -19.04 14.85 -4.57
N GLN B 172 -19.68 13.68 -4.45
CA GLN B 172 -19.55 12.84 -3.28
C GLN B 172 -18.16 12.26 -3.21
N GLY B 173 -17.78 11.61 -4.30
CA GLY B 173 -16.52 10.92 -4.39
C GLY B 173 -15.35 11.81 -4.02
N HIS B 174 -15.36 13.03 -4.54
CA HIS B 174 -14.29 13.97 -4.29
C HIS B 174 -14.38 14.48 -2.85
N TYR B 175 -15.60 14.60 -2.32
CA TYR B 175 -15.78 15.07 -0.94
C TYR B 175 -15.09 14.11 0.01
N TYR B 176 -15.26 12.81 -0.23
CA TYR B 176 -14.71 11.81 0.65
C TYR B 176 -13.23 11.65 0.40
N LYS B 177 -12.80 11.77 -0.84
CA LYS B 177 -11.37 11.63 -1.15
C LYS B 177 -10.50 12.73 -0.56
N TRP B 178 -10.96 13.97 -0.61
CA TRP B 178 -10.13 15.11 -0.21
C TRP B 178 -10.43 15.65 1.19
N ASN B 179 -11.48 15.12 1.86
CA ASN B 179 -11.69 15.28 3.32
C ASN B 179 -11.53 13.91 3.89
N GLN B 180 -10.36 13.29 3.74
CA GLN B 180 -10.17 11.94 4.26
C GLN B 180 -10.32 11.97 5.78
N LYS B 181 -10.81 10.85 6.30
CA LYS B 181 -11.14 10.67 7.69
C LYS B 181 -9.99 10.10 8.49
N ASP B 182 -9.27 9.17 7.89
CA ASP B 182 -8.26 8.37 8.56
C ASP B 182 -6.84 8.83 8.20
N PHE B 183 -6.03 9.10 9.22
CA PHE B 183 -4.66 9.49 9.04
C PHE B 183 -3.74 8.58 9.81
N GLY B 184 -4.16 7.33 10.01
CA GLY B 184 -3.35 6.36 10.75
C GLY B 184 -2.00 6.08 10.12
N SER B 185 -1.92 6.04 8.80
CA SER B 185 -0.66 5.77 8.11
C SER B 185 0.35 6.87 8.31
N PHE B 186 -0.12 8.05 8.67
CA PHE B 186 0.75 9.17 8.88
C PHE B 186 1.47 8.97 10.21
N TYR B 187 0.73 8.59 11.25
CA TYR B 187 1.32 8.38 12.54
C TYR B 187 2.24 7.19 12.44
N GLU B 188 1.74 6.14 11.81
CA GLU B 188 2.52 4.91 11.60
C GLU B 188 3.87 5.20 10.94
N LYS B 189 3.91 6.13 10.01
CA LYS B 189 5.13 6.46 9.27
C LYS B 189 6.16 7.15 10.10
N TYR B 190 5.73 8.02 11.01
CA TYR B 190 6.68 8.81 11.82
C TYR B 190 6.90 8.33 13.25
N ILE B 191 5.93 7.67 13.86
CA ILE B 191 6.13 7.08 15.19
C ILE B 191 6.93 5.75 15.10
N ASN B 192 6.72 4.97 14.02
CA ASN B 192 7.55 3.77 13.68
C ASN B 192 8.98 4.17 13.31
N ASP C 3 23.50 36.92 14.63
CA ASP C 3 24.72 36.22 15.18
C ASP C 3 25.49 35.51 14.02
N ILE C 4 26.83 35.54 14.05
CA ILE C 4 27.67 35.10 12.91
C ILE C 4 27.83 33.58 12.85
N GLY C 5 27.57 33.05 11.67
CA GLY C 5 27.50 31.62 11.47
C GLY C 5 28.58 30.94 10.65
N GLN C 6 28.59 29.63 10.78
CA GLN C 6 29.56 28.77 10.19
C GLN C 6 28.90 27.77 9.28
N VAL C 7 29.32 27.74 8.02
CA VAL C 7 28.86 26.70 7.10
C VAL C 7 29.40 25.39 7.66
N ILE C 8 28.50 24.44 7.87
CA ILE C 8 28.86 23.13 8.40
C ILE C 8 29.19 22.17 7.26
N HIS C 9 30.14 21.29 7.50
CA HIS C 9 30.53 20.30 6.51
C HIS C 9 29.47 19.18 6.50
N PRO C 10 29.20 18.61 5.32
CA PRO C 10 28.31 17.45 5.15
C PRO C 10 28.47 16.31 6.15
N ASP C 11 29.70 15.99 6.52
CA ASP C 11 29.99 14.89 7.47
C ASP C 11 29.43 15.18 8.86
N ASP C 12 29.25 16.46 9.18
CA ASP C 12 28.76 16.89 10.48
C ASP C 12 27.28 17.26 10.48
N PHE C 13 26.56 16.92 9.40
CA PHE C 13 25.11 17.21 9.31
C PHE C 13 24.31 16.37 10.29
N ASP C 14 24.62 15.08 10.42
CA ASP C 14 23.92 14.20 11.38
C ASP C 14 24.17 14.56 12.85
N LYS C 15 25.20 15.37 13.11
CA LYS C 15 25.52 15.89 14.44
C LYS C 15 24.71 17.16 14.78
N ALA C 16 24.06 17.76 13.78
CA ALA C 16 23.37 19.04 13.98
C ALA C 16 21.96 18.86 14.53
N ALA C 17 21.51 19.83 15.33
CA ALA C 17 20.16 19.79 15.94
C ALA C 17 19.06 19.70 14.89
N ALA C 18 19.29 20.37 13.75
CA ALA C 18 18.35 20.41 12.64
C ALA C 18 18.11 19.07 11.97
N ASP C 19 19.07 18.17 12.01
CA ASP C 19 18.90 16.87 11.37
C ASP C 19 17.73 16.08 11.96
N ASP C 20 17.40 16.34 13.22
CA ASP C 20 16.30 15.66 13.89
C ASP C 20 14.96 16.05 13.32
N TYR C 21 14.90 17.23 12.72
CA TYR C 21 13.67 17.74 12.17
C TYR C 21 13.57 17.54 10.68
N VAL C 22 14.60 16.96 10.08
CA VAL C 22 14.56 16.65 8.65
C VAL C 22 13.73 15.38 8.46
N LEU C 23 12.89 15.37 7.43
CA LEU C 23 12.00 14.24 7.12
C LEU C 23 12.73 13.18 6.33
N HIS C 24 13.67 12.51 7.00
CA HIS C 24 14.44 11.44 6.40
C HIS C 24 13.52 10.35 5.90
N GLU C 25 12.36 10.23 6.53
CA GLU C 25 11.35 9.26 6.13
C GLU C 25 10.87 9.46 4.69
N ASP C 26 10.75 10.70 4.25
CA ASP C 26 10.35 11.04 2.87
C ASP C 26 11.54 11.33 1.94
N GLY C 27 12.75 10.92 2.32
CA GLY C 27 13.92 11.15 1.50
C GLY C 27 14.43 12.59 1.47
N GLU C 28 14.07 13.39 2.45
CA GLU C 28 14.57 14.75 2.55
C GLU C 28 16.05 14.68 2.96
N LYS C 29 16.88 15.45 2.26
CA LYS C 29 18.32 15.42 2.39
C LYS C 29 18.80 16.83 2.54
N ILE C 30 19.75 17.06 3.46
CA ILE C 30 20.31 18.40 3.73
C ILE C 30 21.42 18.72 2.77
N TYR C 31 21.34 19.89 2.15
CA TYR C 31 22.33 20.33 1.16
C TYR C 31 23.16 21.49 1.64
N PHE C 32 22.75 22.19 2.69
CA PHE C 32 23.53 23.32 3.17
C PHE C 32 23.04 23.65 4.55
N LEU C 33 23.97 23.83 5.47
CA LEU C 33 23.64 24.12 6.87
C LEU C 33 24.56 25.20 7.39
N ILE C 34 23.98 26.22 7.99
CA ILE C 34 24.72 27.31 8.58
C ILE C 34 24.32 27.28 10.04
N LYS C 35 25.29 27.11 10.93
CA LYS C 35 25.01 27.09 12.36
C LYS C 35 25.64 28.29 13.00
N SER C 36 24.85 29.01 13.80
CA SER C 36 25.34 30.14 14.53
C SER C 36 25.07 29.81 15.99
N LYS C 37 25.54 30.67 16.89
CA LYS C 37 25.33 30.51 18.35
C LYS C 37 23.83 30.55 18.72
N THR C 38 23.02 31.27 17.95
CA THR C 38 21.59 31.46 18.23
C THR C 38 20.62 30.79 17.22
N ASP C 39 21.06 30.59 15.98
CA ASP C 39 20.19 30.04 14.94
C ASP C 39 20.85 28.88 14.22
N GLU C 40 20.04 28.15 13.48
CA GLU C 40 20.49 27.04 12.64
C GLU C 40 19.61 27.08 11.39
N TYR C 41 20.22 27.22 10.21
CA TYR C 41 19.53 27.38 8.92
C TYR C 41 19.80 26.24 7.97
N CYS C 42 18.83 25.36 7.81
CA CYS C 42 19.04 24.10 7.11
C CYS C 42 18.30 24.05 5.77
N PHE C 43 19.07 24.06 4.69
CA PHE C 43 18.54 24.06 3.35
C PHE C 43 18.52 22.64 2.81
N THR C 44 17.32 22.07 2.69
CA THR C 44 17.14 20.72 2.17
C THR C 44 16.56 20.84 0.77
N ASN C 45 16.37 19.70 0.12
CA ASN C 45 15.76 19.62 -1.21
C ASN C 45 14.30 20.04 -1.24
N LEU C 46 13.66 20.02 -0.07
CA LEU C 46 12.24 20.29 0.05
C LEU C 46 11.92 21.58 0.73
N ALA C 47 12.78 22.09 1.61
CA ALA C 47 12.39 23.23 2.44
C ALA C 47 13.57 23.95 3.05
N LEU C 48 13.32 25.11 3.64
CA LEU C 48 14.24 25.68 4.62
C LEU C 48 13.68 25.27 5.99
N VAL C 49 14.53 24.68 6.81
CA VAL C 49 14.17 24.32 8.17
C VAL C 49 15.00 25.28 8.99
N HIS C 50 14.36 26.08 9.84
CA HIS C 50 15.06 27.08 10.65
C HIS C 50 14.78 26.92 12.17
N LEU C 51 15.85 26.64 12.92
CA LEU C 51 15.77 26.61 14.38
C LEU C 51 16.14 28.01 14.85
N ASP C 52 15.15 28.76 15.28
CA ASP C 52 15.29 30.17 15.67
C ASP C 52 15.42 30.41 17.18
N GLY C 53 16.52 31.06 17.58
CA GLY C 53 16.68 31.56 18.94
C GLY C 53 16.50 33.09 18.97
N GLU C 54 15.87 33.59 20.03
CA GLU C 54 15.66 35.03 20.22
C GLU C 54 16.22 35.44 21.60
N SER C 59 17.78 30.34 24.95
CA SER C 59 18.28 29.01 24.55
C SER C 59 17.22 28.09 23.87
N LYS C 60 15.92 28.33 24.15
CA LYS C 60 14.79 27.67 23.45
C LYS C 60 14.98 27.91 21.96
N ARG C 61 14.51 26.98 21.15
CA ARG C 61 14.57 27.21 19.71
C ARG C 61 13.18 27.01 19.18
N VAL C 62 12.72 27.95 18.35
CA VAL C 62 11.44 27.81 17.66
C VAL C 62 11.67 27.22 16.25
N LEU C 63 11.00 26.09 15.95
CA LEU C 63 11.18 25.39 14.68
C LEU C 63 10.22 25.85 13.60
N TYR C 64 10.78 26.37 12.51
CA TYR C 64 10.02 26.78 11.32
C TYR C 64 10.37 25.86 10.18
N ARG C 65 9.38 25.58 9.34
CA ARG C 65 9.59 24.79 8.14
C ARG C 65 8.84 25.48 7.02
N TYR C 66 9.57 25.77 5.94
CA TYR C 66 9.07 26.48 4.78
C TYR C 66 9.35 25.63 3.55
N PRO C 67 8.45 24.71 3.23
CA PRO C 67 8.60 23.96 2.00
C PRO C 67 8.59 24.90 0.80
N TYR C 68 9.48 24.64 -0.15
CA TYR C 68 9.62 25.57 -1.29
C TYR C 68 8.31 25.65 -2.07
N ALA C 69 7.63 24.52 -2.20
CA ALA C 69 6.34 24.45 -2.91
C ALA C 69 5.33 25.44 -2.35
N HIS C 70 5.31 25.73 -1.07
CA HIS C 70 4.30 26.62 -0.52
C HIS C 70 4.85 27.99 -0.12
N TYR C 71 6.19 28.12 -0.12
CA TYR C 71 6.86 29.36 0.27
C TYR C 71 7.94 29.70 -0.74
N PRO C 72 7.61 30.49 -1.77
CA PRO C 72 8.53 30.82 -2.83
C PRO C 72 9.67 31.74 -2.41
N ILE C 73 10.85 31.45 -2.96
CA ILE C 73 12.02 32.26 -2.69
C ILE C 73 12.05 33.41 -3.68
N ARG C 74 12.32 34.59 -3.14
CA ARG C 74 12.38 35.83 -3.91
C ARG C 74 13.48 36.75 -3.40
N HIS C 75 13.95 37.66 -4.26
CA HIS C 75 14.87 38.73 -3.88
C HIS C 75 16.14 38.23 -3.27
N VAL C 76 16.75 37.26 -3.93
CA VAL C 76 18.00 36.71 -3.45
C VAL C 76 19.12 37.74 -3.66
N PHE C 78 23.20 39.15 -2.12
CA PHE C 78 24.45 38.82 -1.48
C PHE C 78 25.25 40.09 -1.20
N GLU C 79 26.02 40.04 -0.12
CA GLU C 79 26.86 41.16 0.30
C GLU C 79 28.19 40.60 0.80
N THR C 80 29.28 41.10 0.22
CA THR C 80 30.65 40.65 0.55
C THR C 80 31.20 41.36 1.78
N ALA C 81 32.39 40.92 2.21
CA ALA C 81 33.06 41.50 3.37
C ALA C 81 34.08 42.54 2.93
N GLY C 82 34.17 43.64 3.69
CA GLY C 82 35.23 44.63 3.48
C GLY C 82 36.51 44.15 4.16
N THR C 83 37.55 44.99 4.10
CA THR C 83 38.80 44.68 4.79
C THR C 83 38.54 44.48 6.28
N VAL C 84 37.74 45.38 6.87
CA VAL C 84 37.46 45.40 8.32
C VAL C 84 36.38 44.43 8.82
N ASP C 85 35.54 43.90 7.92
CA ASP C 85 34.42 43.04 8.30
C ASP C 85 34.81 41.57 8.47
N LEU C 86 34.09 40.86 9.34
CA LEU C 86 34.30 39.42 9.56
C LEU C 86 33.23 38.51 8.89
N ASP C 87 32.21 39.12 8.28
CA ASP C 87 31.11 38.37 7.72
C ASP C 87 30.64 38.80 6.32
N VAL C 88 30.09 37.82 5.61
CA VAL C 88 29.41 38.03 4.36
C VAL C 88 27.94 37.76 4.70
N GLU C 89 27.03 38.49 4.07
CA GLU C 89 25.61 38.37 4.35
C GLU C 89 24.86 37.87 3.12
N ILE C 90 24.03 36.85 3.30
CA ILE C 90 23.11 36.38 2.27
C ILE C 90 21.68 36.71 2.69
N LYS C 91 20.92 37.30 1.76
CA LYS C 91 19.54 37.68 2.00
C LYS C 91 18.62 37.06 0.96
N PHE C 92 17.36 36.92 1.36
CA PHE C 92 16.29 36.41 0.52
C PHE C 92 14.97 36.50 1.30
N GLU C 93 13.87 36.34 0.57
CA GLU C 93 12.55 36.26 1.18
C GLU C 93 11.96 34.91 0.83
N ILE C 94 11.46 34.23 1.86
CA ILE C 94 10.82 32.92 1.71
C ILE C 94 9.40 33.08 2.23
N GLY C 95 8.43 32.83 1.35
CA GLY C 95 7.07 33.26 1.62
C GLY C 95 7.23 34.78 1.69
N GLY C 96 6.68 35.41 2.71
CA GLY C 96 6.91 36.85 2.80
C GLY C 96 8.05 37.20 3.72
N LYS C 97 8.57 36.20 4.42
CA LYS C 97 9.50 36.44 5.51
C LYS C 97 10.89 36.81 5.01
N HIS C 98 11.46 37.86 5.61
CA HIS C 98 12.79 38.37 5.26
C HIS C 98 13.87 37.65 6.03
N TYR C 99 14.84 37.07 5.33
CA TYR C 99 15.96 36.35 5.94
C TYR C 99 17.27 37.04 5.61
N SER C 100 18.09 37.28 6.63
CA SER C 100 19.41 37.87 6.43
C SER C 100 20.36 37.09 7.31
N ILE C 101 21.30 36.38 6.69
CA ILE C 101 22.15 35.44 7.40
C ILE C 101 23.59 35.83 7.26
N ASP C 102 24.23 36.16 8.38
CA ASP C 102 25.66 36.52 8.40
C ASP C 102 26.53 35.27 8.53
N VAL C 103 27.55 35.16 7.67
CA VAL C 103 28.40 33.97 7.62
C VAL C 103 29.89 34.34 7.62
N ASP C 104 30.68 33.49 8.28
CA ASP C 104 32.13 33.67 8.37
C ASP C 104 32.72 33.96 6.99
N LYS C 105 33.36 35.13 6.82
CA LYS C 105 33.93 35.51 5.52
C LYS C 105 34.92 34.47 5.02
N LYS C 106 35.50 33.70 5.92
CA LYS C 106 36.43 32.64 5.51
C LYS C 106 35.75 31.64 4.57
N GLN C 107 34.47 31.41 4.76
CA GLN C 107 33.76 30.42 3.94
C GLN C 107 33.00 31.01 2.77
N LEU C 108 33.37 32.20 2.32
CA LEU C 108 32.75 32.86 1.17
C LEU C 108 32.54 31.95 -0.04
N GLU C 109 33.53 31.10 -0.35
CA GLU C 109 33.43 30.18 -1.49
C GLU C 109 32.15 29.33 -1.44
N HIS C 110 31.71 28.99 -0.24
CA HIS C 110 30.51 28.16 -0.05
C HIS C 110 29.20 28.97 -0.06
N VAL C 111 29.21 30.13 0.58
CA VAL C 111 28.04 31.02 0.63
C VAL C 111 27.71 31.58 -0.76
N LYS C 112 28.71 31.71 -1.62
CA LYS C 112 28.49 32.18 -2.97
C LYS C 112 27.76 31.10 -3.75
N ASP C 113 28.01 29.82 -3.43
CA ASP C 113 27.35 28.72 -4.12
C ASP C 113 25.89 28.63 -3.71
N LEU C 114 25.63 28.93 -2.43
CA LEU C 114 24.28 28.97 -1.93
C LEU C 114 23.54 30.10 -2.64
N TYR C 115 24.22 31.24 -2.79
CA TYR C 115 23.64 32.39 -3.50
C TYR C 115 23.14 31.97 -4.88
N LYS C 116 24.01 31.29 -5.63
CA LYS C 116 23.68 30.80 -6.98
C LYS C 116 22.52 29.83 -6.96
N ALA C 117 22.50 28.91 -6.00
CA ALA C 117 21.43 27.93 -5.86
C ALA C 117 20.09 28.62 -5.66
N LEU C 118 20.03 29.47 -4.64
CA LEU C 118 18.80 30.15 -4.26
C LEU C 118 18.26 31.01 -5.39
N LEU C 119 19.18 31.63 -6.11
CA LEU C 119 18.89 32.51 -7.25
C LEU C 119 18.20 31.70 -8.35
N ALA C 120 18.71 30.48 -8.55
CA ALA C 120 18.18 29.55 -9.53
C ALA C 120 16.82 28.99 -9.12
N ILE C 121 16.66 28.65 -7.85
CA ILE C 121 15.36 28.20 -7.36
C ILE C 121 14.32 29.31 -7.56
N ALA C 122 14.62 30.51 -7.05
CA ALA C 122 13.73 31.67 -7.18
C ALA C 122 13.26 31.89 -8.62
N GLU C 123 14.16 31.74 -9.57
CA GLU C 123 13.81 31.92 -10.98
C GLU C 123 12.90 30.83 -11.48
N LYS C 124 13.22 29.58 -11.19
CA LYS C 124 12.39 28.47 -11.61
C LYS C 124 10.99 28.69 -11.09
N GLN C 125 10.87 29.08 -9.82
CA GLN C 125 9.54 29.27 -9.20
C GLN C 125 8.78 30.41 -9.88
N TYR C 126 9.49 31.47 -10.25
CA TYR C 126 8.89 32.61 -10.92
C TYR C 126 8.34 32.21 -12.28
N GLU C 127 9.13 31.45 -13.01
CA GLU C 127 8.73 31.01 -14.32
C GLU C 127 7.54 30.05 -14.23
N GLY C 128 7.56 29.16 -13.25
CA GLY C 128 6.43 28.28 -12.98
C GLY C 128 5.14 29.04 -12.71
N GLN C 129 5.21 30.15 -11.96
CA GLN C 129 4.01 30.93 -11.72
C GLN C 129 3.38 31.43 -13.00
N LYS C 130 4.20 31.91 -13.94
CA LYS C 130 3.76 32.36 -15.27
C LYS C 130 3.14 31.22 -16.07
N LEU C 132 1.62 28.55 -14.85
CA LEU C 132 0.31 28.29 -14.25
C LEU C 132 -0.77 29.18 -14.85
N GLU C 133 -0.43 30.46 -15.02
CA GLU C 133 -1.34 31.43 -15.64
C GLU C 133 -1.68 30.92 -17.07
N PHE C 134 -0.69 30.50 -17.83
CA PHE C 134 -0.99 29.98 -19.18
C PHE C 134 -1.87 28.73 -19.15
N ALA C 135 -1.59 27.86 -18.19
CA ALA C 135 -2.35 26.63 -18.03
C ALA C 135 -3.81 26.95 -17.72
N ASN C 136 -4.04 27.90 -16.82
CA ASN C 136 -5.41 28.24 -16.45
C ASN C 136 -6.10 28.94 -17.59
N SER C 137 -5.44 29.94 -18.16
CA SER C 137 -6.02 30.66 -19.29
C SER C 137 -6.35 29.69 -20.40
N SER C 138 -5.49 28.70 -20.63
CA SER C 138 -5.76 27.73 -21.75
C SER C 138 -6.99 26.94 -21.51
N LEU C 139 -7.21 26.51 -20.28
CA LEU C 139 -8.40 25.73 -19.93
C LEU C 139 -9.67 26.50 -20.22
N ASN C 140 -9.71 27.76 -19.84
CA ASN C 140 -10.80 28.67 -20.22
C ASN C 140 -10.97 28.80 -21.74
N HIS C 141 -9.91 29.00 -22.49
CA HIS C 141 -10.07 29.07 -23.94
C HIS C 141 -10.76 27.80 -24.52
N SER C 142 -10.40 26.59 -24.06
CA SER C 142 -11.16 25.38 -24.54
C SER C 142 -12.59 25.42 -24.06
N VAL C 143 -12.82 25.83 -22.81
CA VAL C 143 -14.20 25.84 -22.32
C VAL C 143 -14.97 26.76 -23.22
N THR C 144 -14.48 27.96 -23.47
CA THR C 144 -15.15 28.83 -24.41
C THR C 144 -15.35 28.25 -25.82
N ILE C 145 -14.31 27.74 -26.45
CA ILE C 145 -14.45 27.20 -27.81
C ILE C 145 -15.47 26.04 -27.88
N LEU C 146 -15.51 25.21 -26.86
CA LEU C 146 -16.39 24.05 -26.80
C LEU C 146 -17.76 24.27 -26.12
N GLY C 147 -17.97 25.40 -25.41
CA GLY C 147 -19.33 25.79 -24.99
C GLY C 147 -20.41 25.56 -26.08
N GLY C 148 -21.58 25.07 -25.65
CA GLY C 148 -22.76 24.83 -26.50
C GLY C 148 -22.56 23.95 -27.71
N LEU C 149 -22.94 22.68 -27.64
CA LEU C 149 -22.61 21.74 -28.72
C LEU C 149 -23.75 21.11 -29.58
N ARG C 150 -23.93 19.79 -29.50
CA ARG C 150 -24.83 19.04 -30.36
C ARG C 150 -24.95 17.58 -29.86
N GLN C 151 -25.11 16.60 -30.77
CA GLN C 151 -25.18 15.16 -30.41
C GLN C 151 -24.91 14.16 -31.56
N ASN C 155 -23.12 9.92 -25.69
CA ASN C 155 -23.52 9.36 -24.38
C ASN C 155 -23.34 10.43 -23.27
N VAL C 156 -24.37 11.21 -23.03
CA VAL C 156 -24.26 12.45 -22.24
C VAL C 156 -23.63 12.26 -20.87
N PRO C 157 -24.09 11.28 -20.10
CA PRO C 157 -23.47 11.07 -18.75
C PRO C 157 -22.01 10.55 -18.77
N GLN C 158 -21.66 9.61 -19.66
CA GLN C 158 -20.25 9.24 -19.77
C GLN C 158 -19.41 10.46 -20.17
N THR C 159 -19.93 11.29 -21.07
CA THR C 159 -19.17 12.40 -21.61
C THR C 159 -18.97 13.39 -20.46
N PHE C 160 -19.97 13.52 -19.62
CA PHE C 160 -19.96 14.44 -18.49
C PHE C 160 -18.90 14.11 -17.43
N LYS C 161 -18.81 12.82 -17.15
CA LYS C 161 -17.80 12.21 -16.29
C LYS C 161 -16.37 12.46 -16.80
N ASP C 162 -16.16 12.02 -18.06
CA ASP C 162 -14.86 12.10 -18.74
C ASP C 162 -14.38 13.55 -18.88
N LEU C 163 -15.30 14.44 -19.21
CA LEU C 163 -14.98 15.82 -19.43
C LEU C 163 -14.60 16.43 -18.07
N SER C 164 -15.33 16.06 -17.03
CA SER C 164 -14.96 16.57 -15.67
C SER C 164 -13.56 16.09 -15.29
N GLN C 165 -13.23 14.85 -15.73
CA GLN C 165 -11.96 14.26 -15.38
C GLN C 165 -10.83 14.98 -16.07
N GLU C 166 -10.96 15.23 -17.38
CA GLU C 166 -9.95 15.98 -18.12
C GLU C 166 -9.68 17.34 -17.40
N SER C 167 -10.72 18.08 -17.11
CA SER C 167 -10.52 19.34 -16.48
C SER C 167 -9.69 19.15 -15.20
N PHE C 168 -10.01 18.12 -14.43
CA PHE C 168 -9.34 17.84 -13.18
C PHE C 168 -7.89 17.49 -13.40
N ASP C 169 -7.67 16.52 -14.25
CA ASP C 169 -6.32 16.13 -14.57
C ASP C 169 -5.48 17.33 -15.01
N TRP C 170 -6.05 18.18 -15.87
CA TRP C 170 -5.36 19.34 -16.35
C TRP C 170 -5.03 20.24 -15.16
N LEU C 171 -6.02 20.62 -14.38
CA LEU C 171 -5.75 21.58 -13.28
C LEU C 171 -4.73 21.03 -12.29
N GLN C 172 -4.90 19.75 -11.94
CA GLN C 172 -4.07 19.09 -10.96
C GLN C 172 -2.65 18.94 -11.45
N GLY C 173 -2.56 18.38 -12.64
CA GLY C 173 -1.27 18.11 -13.24
C GLY C 173 -0.39 19.32 -13.37
N HIS C 174 -0.98 20.45 -13.75
CA HIS C 174 -0.25 21.69 -13.88
C HIS C 174 0.08 22.21 -12.52
N TYR C 175 -0.83 22.07 -11.58
CA TYR C 175 -0.58 22.54 -10.20
C TYR C 175 0.71 21.90 -9.68
N TYR C 176 0.84 20.59 -9.84
CA TYR C 176 2.02 19.90 -9.33
C TYR C 176 3.25 20.16 -10.16
N LYS C 177 3.10 20.35 -11.45
CA LYS C 177 4.25 20.60 -12.30
C LYS C 177 4.89 21.95 -12.02
N TRP C 178 4.08 23.00 -11.87
CA TRP C 178 4.64 24.32 -11.73
C TRP C 178 4.88 24.75 -10.29
N ASN C 179 4.35 23.99 -9.34
CA ASN C 179 4.63 24.18 -7.90
C ASN C 179 5.45 22.96 -7.52
N GLN C 180 6.62 22.80 -8.12
CA GLN C 180 7.44 21.65 -7.81
C GLN C 180 7.96 21.70 -6.36
N LYS C 181 8.10 20.51 -5.80
CA LYS C 181 8.44 20.33 -4.39
C LYS C 181 9.92 20.18 -4.16
N ASP C 182 10.59 19.50 -5.09
CA ASP C 182 11.99 19.12 -4.96
C ASP C 182 12.93 19.96 -5.84
N PHE C 183 13.91 20.55 -5.20
CA PHE C 183 14.90 21.40 -5.84
C PHE C 183 16.32 20.87 -5.51
N GLY C 184 16.42 19.58 -5.22
CA GLY C 184 17.70 18.97 -4.85
C GLY C 184 18.76 19.21 -5.92
N SER C 185 18.38 18.98 -7.17
CA SER C 185 19.26 19.13 -8.32
C SER C 185 19.84 20.53 -8.43
N PHE C 186 19.12 21.53 -7.96
CA PHE C 186 19.63 22.91 -8.01
C PHE C 186 20.79 23.10 -7.04
N TYR C 187 20.71 22.49 -5.87
CA TYR C 187 21.79 22.55 -4.90
C TYR C 187 22.94 21.70 -5.41
N GLU C 188 22.59 20.50 -5.86
CA GLU C 188 23.54 19.54 -6.44
C GLU C 188 24.36 20.17 -7.57
N LYS C 189 23.75 21.04 -8.35
CA LYS C 189 24.42 21.70 -9.47
C LYS C 189 25.44 22.76 -9.07
N TYR C 190 25.16 23.48 -7.98
CA TYR C 190 26.01 24.61 -7.55
C TYR C 190 26.91 24.37 -6.34
N ILE C 191 26.54 23.41 -5.49
CA ILE C 191 27.35 23.02 -4.32
C ILE C 191 28.33 21.89 -4.72
N ASN C 192 27.76 20.80 -5.25
CA ASN C 192 28.50 19.61 -5.72
C ASN C 192 28.57 19.51 -7.25
N ASP D 3 17.87 17.07 -21.05
CA ASP D 3 16.91 17.66 -22.04
C ASP D 3 16.10 16.56 -22.74
N ILE D 4 14.88 16.92 -23.22
CA ILE D 4 13.99 15.96 -23.91
C ILE D 4 14.65 15.53 -25.22
N GLY D 5 15.22 14.31 -25.22
CA GLY D 5 15.94 13.76 -26.37
C GLY D 5 15.02 13.19 -27.43
N GLN D 6 15.60 12.89 -28.59
CA GLN D 6 14.84 12.43 -29.75
C GLN D 6 15.40 11.11 -30.25
N VAL D 7 14.52 10.14 -30.50
CA VAL D 7 14.91 8.88 -31.09
C VAL D 7 15.15 9.16 -32.57
N ILE D 8 16.38 8.90 -33.03
CA ILE D 8 16.78 9.17 -34.41
C ILE D 8 16.39 8.00 -35.30
N HIS D 9 16.06 8.31 -36.56
CA HIS D 9 15.66 7.28 -37.52
C HIS D 9 16.92 6.60 -38.06
N PRO D 10 16.86 5.26 -38.29
CA PRO D 10 17.96 4.50 -38.89
C PRO D 10 18.68 5.17 -40.07
N ASP D 11 17.92 5.77 -40.97
CA ASP D 11 18.48 6.46 -42.15
C ASP D 11 19.43 7.60 -41.77
N ASP D 12 19.24 8.18 -40.58
CA ASP D 12 20.07 9.28 -40.11
C ASP D 12 21.14 8.89 -39.09
N PHE D 13 21.40 7.58 -38.97
CA PHE D 13 22.47 7.10 -38.07
C PHE D 13 23.86 7.55 -38.57
N ASP D 14 24.12 7.33 -39.85
CA ASP D 14 25.42 7.75 -40.44
C ASP D 14 25.70 9.26 -40.29
N LYS D 15 24.64 10.06 -40.13
CA LYS D 15 24.75 11.52 -39.92
C LYS D 15 25.06 11.90 -38.47
N ALA D 16 25.00 10.93 -37.55
CA ALA D 16 25.21 11.17 -36.13
C ALA D 16 26.69 11.22 -35.74
N ALA D 17 27.01 12.09 -34.78
CA ALA D 17 28.38 12.22 -34.28
C ALA D 17 28.89 10.85 -33.78
N ALA D 18 28.00 10.11 -33.12
CA ALA D 18 28.31 8.81 -32.53
C ALA D 18 28.76 7.76 -33.55
N ASP D 19 28.30 7.88 -34.80
CA ASP D 19 28.64 6.90 -35.85
C ASP D 19 30.15 6.84 -36.13
N ASP D 20 30.85 7.95 -35.90
CA ASP D 20 32.31 7.99 -36.05
C ASP D 20 32.99 7.04 -35.07
N TYR D 21 32.39 6.83 -33.90
CA TYR D 21 32.97 6.01 -32.82
C TYR D 21 32.42 4.57 -32.73
N VAL D 22 31.58 4.19 -33.69
CA VAL D 22 31.12 2.81 -33.79
C VAL D 22 32.22 2.04 -34.54
N LEU D 23 32.52 0.83 -34.08
CA LEU D 23 33.55 0.00 -34.70
C LEU D 23 32.98 -0.74 -35.89
N HIS D 24 32.80 -0.03 -37.00
CA HIS D 24 32.26 -0.62 -38.22
C HIS D 24 33.17 -1.71 -38.70
N GLU D 25 34.47 -1.52 -38.48
CA GLU D 25 35.48 -2.50 -38.88
C GLU D 25 35.23 -3.88 -38.27
N ASP D 26 34.63 -3.92 -37.08
CA ASP D 26 34.31 -5.21 -36.43
C ASP D 26 32.82 -5.56 -36.57
N GLY D 27 32.17 -5.00 -37.57
CA GLY D 27 30.77 -5.27 -37.83
C GLY D 27 29.79 -4.70 -36.82
N GLU D 28 30.22 -3.73 -36.01
CA GLU D 28 29.33 -3.09 -35.03
C GLU D 28 28.25 -2.29 -35.76
N LYS D 29 27.02 -2.44 -35.29
CA LYS D 29 25.84 -1.89 -35.95
C LYS D 29 24.96 -1.17 -34.95
N ILE D 30 24.53 0.05 -35.29
CA ILE D 30 23.68 0.84 -34.41
C ILE D 30 22.25 0.33 -34.51
N TYR D 31 21.65 0.12 -33.34
CA TYR D 31 20.27 -0.36 -33.25
C TYR D 31 19.35 0.69 -32.67
N PHE D 32 19.90 1.65 -31.93
CA PHE D 32 19.07 2.65 -31.32
C PHE D 32 19.91 3.88 -30.93
N LEU D 33 19.41 5.06 -31.28
CA LEU D 33 20.11 6.31 -31.04
C LEU D 33 19.15 7.34 -30.52
N ILE D 34 19.51 7.93 -29.39
CA ILE D 34 18.76 8.99 -28.75
C ILE D 34 19.68 10.16 -28.72
N LYS D 35 19.32 11.21 -29.45
CA LYS D 35 20.13 12.42 -29.47
C LYS D 35 19.39 13.49 -28.64
N SER D 36 20.16 14.20 -27.83
CA SER D 36 19.65 15.35 -27.07
C SER D 36 20.58 16.52 -27.38
N LYS D 37 20.23 17.71 -26.90
CA LYS D 37 21.05 18.91 -27.13
C LYS D 37 22.46 18.72 -26.57
N THR D 38 22.58 18.00 -25.46
CA THR D 38 23.88 17.83 -24.79
C THR D 38 24.48 16.41 -24.85
N ASP D 39 23.63 15.38 -24.95
CA ASP D 39 24.10 13.99 -24.96
C ASP D 39 23.65 13.24 -26.18
N GLU D 40 24.34 12.13 -26.44
CA GLU D 40 24.04 11.22 -27.53
C GLU D 40 24.24 9.81 -26.99
N TYR D 41 23.18 9.01 -27.02
CA TYR D 41 23.19 7.65 -26.48
C TYR D 41 23.00 6.67 -27.62
N CYS D 42 24.08 5.95 -27.97
CA CYS D 42 24.09 5.02 -29.10
C CYS D 42 24.18 3.56 -28.63
N PHE D 43 23.11 2.83 -28.86
CA PHE D 43 23.01 1.42 -28.48
C PHE D 43 23.28 0.59 -29.69
N THR D 44 24.37 -0.19 -29.64
CA THR D 44 24.78 -1.09 -30.73
C THR D 44 24.66 -2.52 -30.24
N ASN D 45 24.99 -3.46 -31.12
CA ASN D 45 25.01 -4.87 -30.76
C ASN D 45 26.09 -5.23 -29.73
N LEU D 46 27.13 -4.39 -29.60
CA LEU D 46 28.27 -4.66 -28.71
C LEU D 46 28.34 -3.75 -27.49
N ALA D 47 27.77 -2.55 -27.58
CA ALA D 47 28.02 -1.58 -26.53
C ALA D 47 27.01 -0.44 -26.46
N LEU D 48 27.12 0.32 -25.37
CA LEU D 48 26.46 1.61 -25.25
C LEU D 48 27.59 2.62 -25.46
N VAL D 49 27.48 3.41 -26.53
CA VAL D 49 28.45 4.43 -26.84
C VAL D 49 27.75 5.74 -26.48
N HIS D 50 28.32 6.44 -25.50
CA HIS D 50 27.72 7.64 -24.97
C HIS D 50 28.68 8.81 -25.19
N LEU D 51 28.18 9.86 -25.85
CA LEU D 51 28.87 11.13 -25.97
C LEU D 51 28.20 12.02 -24.91
N ASP D 52 28.95 12.35 -23.87
CA ASP D 52 28.46 13.14 -22.75
C ASP D 52 28.85 14.61 -22.85
N GLY D 53 27.90 15.49 -22.54
CA GLY D 53 28.14 16.94 -22.53
C GLY D 53 27.98 17.51 -21.13
N SER D 59 30.57 22.38 -24.08
CA SER D 59 30.63 22.25 -25.53
C SER D 59 31.27 20.91 -25.91
N LYS D 60 32.49 20.70 -25.42
CA LYS D 60 33.28 19.46 -25.64
C LYS D 60 32.44 18.22 -25.23
N ARG D 61 32.74 17.05 -25.81
CA ARG D 61 32.02 15.80 -25.49
C ARG D 61 32.97 14.71 -25.04
N VAL D 62 32.67 14.08 -23.89
CA VAL D 62 33.45 12.93 -23.39
C VAL D 62 32.86 11.64 -23.95
N LEU D 63 33.67 10.86 -24.65
CA LEU D 63 33.19 9.61 -25.27
C LEU D 63 33.41 8.43 -24.33
N TYR D 64 32.31 7.83 -23.92
CA TYR D 64 32.34 6.62 -23.11
C TYR D 64 31.92 5.45 -23.97
N ARG D 65 32.49 4.29 -23.70
CA ARG D 65 32.10 3.07 -24.38
C ARG D 65 32.04 1.97 -23.34
N TYR D 66 30.85 1.39 -23.19
CA TYR D 66 30.60 0.32 -22.27
C TYR D 66 30.15 -0.88 -23.07
N PRO D 67 31.10 -1.77 -23.41
CA PRO D 67 30.71 -3.03 -24.01
C PRO D 67 29.89 -3.84 -23.02
N TYR D 68 28.88 -4.54 -23.52
CA TYR D 68 27.99 -5.30 -22.65
C TYR D 68 28.75 -6.38 -21.91
N ALA D 69 29.65 -7.06 -22.63
CA ALA D 69 30.53 -8.14 -22.08
C ALA D 69 31.31 -7.78 -20.82
N HIS D 70 31.71 -6.51 -20.70
CA HIS D 70 32.45 -6.04 -19.51
C HIS D 70 31.62 -5.18 -18.60
N TYR D 71 30.48 -4.69 -19.10
CA TYR D 71 29.61 -3.80 -18.33
C TYR D 71 28.18 -4.30 -18.43
N PRO D 72 27.73 -5.07 -17.42
CA PRO D 72 26.39 -5.61 -17.45
C PRO D 72 25.32 -4.57 -17.22
N ILE D 73 24.16 -4.83 -17.82
CA ILE D 73 22.98 -4.01 -17.68
C ILE D 73 22.13 -4.55 -16.54
N ARG D 74 21.72 -3.65 -15.63
CA ARG D 74 20.93 -4.02 -14.49
C ARG D 74 19.87 -2.96 -14.19
N HIS D 75 18.82 -3.40 -13.51
CA HIS D 75 17.76 -2.53 -13.00
C HIS D 75 17.12 -1.68 -14.09
N VAL D 76 16.64 -2.33 -15.14
CA VAL D 76 15.97 -1.61 -16.23
C VAL D 76 14.53 -1.19 -15.83
N PHE D 78 11.27 1.84 -16.52
CA PHE D 78 10.62 2.79 -17.41
C PHE D 78 9.68 3.68 -16.61
N GLU D 79 9.46 4.88 -17.11
CA GLU D 79 8.57 5.83 -16.47
C GLU D 79 7.77 6.57 -17.55
N THR D 80 6.45 6.53 -17.46
CA THR D 80 5.60 7.13 -18.48
C THR D 80 5.32 8.61 -18.22
N ALA D 81 4.75 9.26 -19.22
CA ALA D 81 4.46 10.69 -19.20
C ALA D 81 3.03 10.93 -18.76
N GLY D 82 2.84 11.94 -17.94
CA GLY D 82 1.51 12.40 -17.55
C GLY D 82 0.93 13.31 -18.62
N THR D 83 -0.25 13.85 -18.37
CA THR D 83 -0.87 14.78 -19.32
C THR D 83 0.02 16.00 -19.50
N VAL D 84 0.56 16.48 -18.39
CA VAL D 84 1.34 17.73 -18.37
C VAL D 84 2.82 17.56 -18.71
N ASP D 85 3.33 16.33 -18.70
CA ASP D 85 4.75 16.06 -18.97
C ASP D 85 5.02 15.85 -20.45
N LEU D 86 6.21 16.27 -20.89
CA LEU D 86 6.59 16.16 -22.30
C LEU D 86 7.49 14.94 -22.60
N ASP D 87 7.95 14.26 -21.56
CA ASP D 87 8.91 13.19 -21.76
C ASP D 87 8.58 11.90 -21.02
N VAL D 88 9.10 10.79 -21.55
CA VAL D 88 9.12 9.51 -20.85
C VAL D 88 10.59 9.34 -20.46
N GLU D 89 10.85 8.57 -19.42
CA GLU D 89 12.21 8.35 -18.95
C GLU D 89 12.53 6.85 -18.97
N ILE D 90 13.66 6.48 -19.58
CA ILE D 90 14.18 5.09 -19.47
C ILE D 90 15.40 5.10 -18.55
N LYS D 91 15.43 4.15 -17.61
CA LYS D 91 16.53 4.01 -16.66
C LYS D 91 17.16 2.61 -16.68
N PHE D 92 18.45 2.58 -16.35
CA PHE D 92 19.20 1.36 -16.22
C PHE D 92 20.59 1.64 -15.64
N GLU D 93 21.27 0.60 -15.19
CA GLU D 93 22.66 0.71 -14.72
C GLU D 93 23.53 -0.14 -15.61
N ILE D 94 24.59 0.45 -16.12
CA ILE D 94 25.52 -0.25 -16.98
C ILE D 94 26.85 -0.21 -16.24
N GLY D 95 27.42 -1.40 -16.03
CA GLY D 95 28.48 -1.53 -15.05
C GLY D 95 27.76 -1.02 -13.80
N GLY D 96 28.38 -0.13 -13.05
CA GLY D 96 27.71 0.42 -11.88
C GLY D 96 27.11 1.79 -12.12
N LYS D 97 27.34 2.34 -13.32
CA LYS D 97 26.92 3.69 -13.64
C LYS D 97 25.42 3.74 -13.95
N HIS D 98 24.71 4.67 -13.32
CA HIS D 98 23.26 4.86 -13.50
C HIS D 98 22.96 5.75 -14.67
N TYR D 99 22.02 5.31 -15.51
CA TYR D 99 21.58 6.08 -16.67
C TYR D 99 20.09 6.35 -16.60
N SER D 100 19.74 7.58 -16.85
CA SER D 100 18.36 8.02 -16.84
C SER D 100 18.27 8.94 -18.03
N ILE D 101 17.46 8.55 -19.01
CA ILE D 101 17.38 9.24 -20.29
C ILE D 101 15.95 9.65 -20.60
N ASP D 102 15.73 10.96 -20.60
CA ASP D 102 14.43 11.56 -20.93
C ASP D 102 14.24 11.66 -22.44
N VAL D 103 13.13 11.13 -22.92
CA VAL D 103 12.85 11.08 -24.34
C VAL D 103 11.46 11.66 -24.61
N ASP D 104 11.33 12.28 -25.78
CA ASP D 104 10.07 12.83 -26.30
C ASP D 104 8.92 11.79 -26.24
N LYS D 105 7.93 12.05 -25.39
CA LYS D 105 6.77 11.17 -25.22
C LYS D 105 6.07 10.81 -26.52
N LYS D 106 6.26 11.62 -27.57
CA LYS D 106 5.69 11.35 -28.87
C LYS D 106 6.22 10.03 -29.41
N GLN D 107 7.49 9.75 -29.10
CA GLN D 107 8.16 8.56 -29.57
C GLN D 107 8.15 7.41 -28.55
N LEU D 108 7.12 7.34 -27.70
CA LEU D 108 6.97 6.27 -26.71
C LEU D 108 7.05 4.89 -27.35
N GLU D 109 6.32 4.70 -28.43
CA GLU D 109 6.33 3.41 -29.18
C GLU D 109 7.75 2.85 -29.46
N HIS D 110 8.73 3.74 -29.59
CA HIS D 110 10.11 3.34 -29.83
C HIS D 110 10.89 3.09 -28.56
N VAL D 111 10.75 4.00 -27.59
CA VAL D 111 11.45 3.87 -26.31
C VAL D 111 10.99 2.61 -25.59
N LYS D 112 9.70 2.27 -25.69
CA LYS D 112 9.21 1.05 -25.08
C LYS D 112 9.93 -0.19 -25.65
N ASP D 113 10.30 -0.15 -26.94
CA ASP D 113 11.03 -1.27 -27.56
C ASP D 113 12.47 -1.37 -27.08
N LEU D 114 13.08 -0.26 -26.70
CA LEU D 114 14.41 -0.27 -26.12
C LEU D 114 14.30 -0.86 -24.70
N TYR D 115 13.26 -0.47 -23.96
CA TYR D 115 12.97 -1.03 -22.64
C TYR D 115 12.96 -2.58 -22.76
N LYS D 116 12.10 -3.12 -23.60
CA LYS D 116 12.06 -4.57 -23.80
C LYS D 116 13.43 -5.17 -24.17
N ALA D 117 14.20 -4.44 -24.98
CA ALA D 117 15.53 -4.92 -25.42
C ALA D 117 16.52 -4.99 -24.28
N LEU D 118 16.58 -3.94 -23.48
CA LEU D 118 17.52 -3.84 -22.37
C LEU D 118 17.15 -4.79 -21.26
N LEU D 119 15.84 -5.02 -21.13
CA LEU D 119 15.28 -5.86 -20.10
C LEU D 119 15.76 -7.27 -20.36
N ALA D 120 15.75 -7.66 -21.62
CA ALA D 120 16.13 -9.00 -22.09
C ALA D 120 17.63 -9.19 -22.08
N ILE D 121 18.36 -8.12 -22.35
CA ILE D 121 19.82 -8.17 -22.31
C ILE D 121 20.23 -8.43 -20.86
N ALA D 122 19.71 -7.61 -19.96
CA ALA D 122 19.91 -7.76 -18.54
C ALA D 122 19.60 -9.19 -18.08
N GLU D 123 18.48 -9.76 -18.50
CA GLU D 123 18.17 -11.10 -17.98
C GLU D 123 19.23 -12.14 -18.41
N LYS D 124 19.61 -12.06 -19.69
CA LYS D 124 20.59 -12.98 -20.28
C LYS D 124 21.94 -12.90 -19.54
N GLN D 125 22.36 -11.69 -19.25
CA GLN D 125 23.61 -11.47 -18.56
C GLN D 125 23.59 -12.03 -17.14
N TYR D 126 22.46 -11.82 -16.45
CA TYR D 126 22.23 -12.38 -15.12
C TYR D 126 22.33 -13.89 -15.12
N GLU D 127 21.61 -14.51 -16.04
CA GLU D 127 21.57 -15.95 -16.12
C GLU D 127 23.00 -16.42 -16.45
N GLY D 128 23.68 -15.72 -17.34
CA GLY D 128 25.05 -16.03 -17.67
C GLY D 128 25.96 -16.09 -16.46
N GLN D 129 25.77 -15.21 -15.48
CA GLN D 129 26.54 -15.29 -14.25
C GLN D 129 26.23 -16.53 -13.42
N LYS D 130 24.98 -16.97 -13.37
CA LYS D 130 24.68 -18.19 -12.64
C LYS D 130 25.43 -19.33 -13.28
N LEU D 132 28.16 -19.37 -15.10
CA LEU D 132 29.58 -19.32 -14.74
C LEU D 132 29.85 -19.90 -13.37
N GLU D 133 29.00 -19.56 -12.40
CA GLU D 133 29.12 -20.18 -11.07
C GLU D 133 29.05 -21.73 -11.17
N PHE D 134 28.04 -22.25 -11.86
CA PHE D 134 27.93 -23.72 -12.04
C PHE D 134 29.14 -24.33 -12.72
N ALA D 135 29.66 -23.65 -13.74
CA ALA D 135 30.76 -24.20 -14.54
C ALA D 135 32.03 -24.40 -13.68
N ASN D 136 32.23 -23.48 -12.76
CA ASN D 136 33.37 -23.52 -11.87
C ASN D 136 33.19 -24.56 -10.82
N SER D 137 32.00 -24.57 -10.20
CA SER D 137 31.66 -25.62 -9.25
C SER D 137 31.77 -26.98 -9.88
N SER D 138 31.33 -27.15 -11.13
CA SER D 138 31.46 -28.47 -11.80
C SER D 138 32.91 -28.89 -12.02
N LEU D 139 33.76 -27.95 -12.36
CA LEU D 139 35.19 -28.26 -12.56
C LEU D 139 35.84 -28.77 -11.27
N ASN D 140 35.53 -28.10 -10.16
CA ASN D 140 36.01 -28.49 -8.83
C ASN D 140 35.45 -29.82 -8.39
N HIS D 141 34.18 -30.07 -8.71
CA HIS D 141 33.64 -31.39 -8.42
C HIS D 141 34.40 -32.48 -9.12
N SER D 142 34.82 -32.30 -10.37
CA SER D 142 35.57 -33.39 -11.08
C SER D 142 36.93 -33.58 -10.44
N VAL D 143 37.55 -32.47 -10.04
CA VAL D 143 38.89 -32.55 -9.46
C VAL D 143 38.86 -33.34 -8.14
N THR D 144 37.79 -33.14 -7.39
CA THR D 144 37.52 -33.92 -6.16
C THR D 144 37.33 -35.39 -6.47
N ILE D 145 36.53 -35.69 -7.48
CA ILE D 145 36.27 -37.08 -7.84
C ILE D 145 37.54 -37.73 -8.38
N LEU D 146 38.28 -37.05 -9.23
CA LEU D 146 39.46 -37.64 -9.87
C LEU D 146 40.77 -37.48 -9.08
N GLY D 147 40.78 -36.67 -8.02
CA GLY D 147 41.92 -36.63 -7.11
C GLY D 147 42.26 -38.03 -6.59
N GLY D 148 43.51 -38.32 -6.28
CA GLY D 148 43.90 -39.73 -5.99
C GLY D 148 44.10 -40.43 -7.33
N LEU D 149 44.18 -41.77 -7.35
CA LEU D 149 44.46 -42.47 -8.64
C LEU D 149 45.27 -43.77 -8.53
N ARG D 150 45.70 -44.26 -9.69
CA ARG D 150 46.57 -45.43 -9.87
C ARG D 150 47.48 -45.18 -11.07
N GLY D 152 47.21 -48.30 -12.09
CA GLY D 152 46.75 -48.03 -13.47
C GLY D 152 47.83 -47.46 -14.39
N ASP D 153 48.08 -48.15 -15.52
CA ASP D 153 49.10 -47.75 -16.52
C ASP D 153 48.68 -46.46 -17.26
N ASN D 155 50.59 -42.85 -19.72
CA ASN D 155 51.63 -41.93 -20.19
C ASN D 155 51.45 -40.67 -19.32
N VAL D 156 52.13 -40.62 -18.19
CA VAL D 156 51.90 -39.52 -17.26
C VAL D 156 52.09 -38.15 -17.90
N PRO D 157 53.22 -37.87 -18.59
CA PRO D 157 53.37 -36.53 -19.19
C PRO D 157 52.36 -36.17 -20.27
N GLN D 158 51.97 -37.11 -21.13
CA GLN D 158 50.94 -36.81 -22.11
C GLN D 158 49.61 -36.53 -21.40
N THR D 159 49.31 -37.30 -20.36
CA THR D 159 48.08 -37.15 -19.58
C THR D 159 48.06 -35.79 -18.88
N PHE D 160 49.19 -35.35 -18.37
CA PHE D 160 49.33 -34.05 -17.73
C PHE D 160 49.02 -32.90 -18.71
N LYS D 161 49.48 -33.02 -19.94
CA LYS D 161 49.26 -32.03 -20.98
C LYS D 161 47.82 -31.99 -21.39
N ASP D 162 47.29 -33.15 -21.73
CA ASP D 162 45.89 -33.22 -22.09
C ASP D 162 44.92 -32.79 -20.93
N LEU D 163 45.22 -33.17 -19.71
CA LEU D 163 44.37 -32.82 -18.61
C LEU D 163 44.42 -31.30 -18.37
N SER D 164 45.60 -30.70 -18.43
CA SER D 164 45.71 -29.25 -18.28
C SER D 164 44.93 -28.54 -19.35
N GLN D 165 44.95 -29.14 -20.53
CA GLN D 165 44.27 -28.59 -21.69
C GLN D 165 42.79 -28.63 -21.52
N GLU D 166 42.26 -29.78 -21.11
CA GLU D 166 40.82 -29.91 -20.86
C GLU D 166 40.32 -28.89 -19.87
N SER D 167 41.05 -28.71 -18.78
CA SER D 167 40.71 -27.69 -17.83
C SER D 167 40.68 -26.29 -18.51
N PHE D 168 41.69 -26.00 -19.32
CA PHE D 168 41.75 -24.72 -20.00
C PHE D 168 40.58 -24.51 -20.94
N ASP D 169 40.25 -25.54 -21.71
CA ASP D 169 39.12 -25.42 -22.66
C ASP D 169 37.81 -25.15 -21.92
N TRP D 170 37.65 -25.83 -20.79
CA TRP D 170 36.47 -25.69 -19.96
C TRP D 170 36.35 -24.26 -19.44
N LEU D 171 37.41 -23.79 -18.82
CA LEU D 171 37.39 -22.48 -18.24
C LEU D 171 37.19 -21.42 -19.30
N GLN D 172 37.80 -21.66 -20.45
CA GLN D 172 37.76 -20.69 -21.53
C GLN D 172 36.44 -20.68 -22.25
N GLY D 173 36.00 -21.86 -22.65
CA GLY D 173 34.71 -22.02 -23.35
C GLY D 173 33.56 -21.38 -22.60
N HIS D 174 33.49 -21.60 -21.28
CA HIS D 174 32.44 -21.08 -20.43
C HIS D 174 32.62 -19.58 -20.24
N TYR D 175 33.87 -19.12 -20.18
CA TYR D 175 34.14 -17.68 -20.04
C TYR D 175 33.58 -16.94 -21.23
N TYR D 176 33.77 -17.48 -22.43
CA TYR D 176 33.25 -16.84 -23.61
C TYR D 176 31.76 -17.06 -23.84
N LYS D 177 31.27 -18.25 -23.51
CA LYS D 177 29.86 -18.53 -23.69
C LYS D 177 29.03 -17.62 -22.81
N TRP D 178 29.37 -17.50 -21.54
CA TRP D 178 28.47 -16.80 -20.61
C TRP D 178 28.75 -15.31 -20.47
N ASN D 179 29.91 -14.87 -20.96
CA ASN D 179 30.19 -13.43 -21.09
C ASN D 179 30.03 -13.08 -22.57
N GLN D 180 28.82 -13.20 -23.10
CA GLN D 180 28.65 -12.94 -24.52
C GLN D 180 28.85 -11.46 -24.85
N LYS D 181 29.36 -11.24 -26.05
CA LYS D 181 29.70 -9.94 -26.57
C LYS D 181 28.58 -9.31 -27.38
N ASP D 182 27.94 -10.11 -28.22
CA ASP D 182 26.94 -9.63 -29.15
C ASP D 182 25.53 -9.86 -28.65
N PHE D 183 24.74 -8.80 -28.65
CA PHE D 183 23.33 -8.82 -28.29
C PHE D 183 22.47 -8.23 -29.40
N GLY D 184 22.96 -8.32 -30.63
CA GLY D 184 22.23 -7.77 -31.77
C GLY D 184 20.84 -8.34 -31.91
N SER D 185 20.71 -9.66 -31.77
CA SER D 185 19.44 -10.35 -31.97
C SER D 185 18.36 -9.88 -31.01
N PHE D 186 18.79 -9.35 -29.86
CA PHE D 186 17.84 -8.89 -28.85
C PHE D 186 17.17 -7.62 -29.31
N TYR D 187 17.97 -6.72 -29.85
CA TYR D 187 17.45 -5.47 -30.39
C TYR D 187 16.63 -5.81 -31.61
N GLU D 188 17.19 -6.63 -32.49
CA GLU D 188 16.50 -7.11 -33.68
C GLU D 188 15.12 -7.69 -33.37
N LYS D 189 15.01 -8.44 -32.27
CA LYS D 189 13.75 -9.05 -31.87
C LYS D 189 12.67 -8.06 -31.41
N TYR D 190 13.06 -6.97 -30.73
CA TYR D 190 12.09 -5.99 -30.19
C TYR D 190 11.91 -4.71 -30.98
N ILE D 191 12.94 -4.28 -31.71
CA ILE D 191 12.87 -3.06 -32.55
C ILE D 191 12.08 -3.31 -33.87
N ASN D 192 12.20 -4.51 -34.45
CA ASN D 192 11.52 -4.86 -35.71
C ASN D 192 9.99 -4.79 -35.64
C ILE E 4 -11.71 0.36 -7.26
N GLY E 5 -10.61 -0.34 -7.56
CA GLY E 5 -10.20 -0.69 -8.94
C GLY E 5 -11.20 -1.57 -9.67
N GLN E 6 -10.95 -1.81 -10.96
CA GLN E 6 -11.88 -2.53 -11.82
C GLN E 6 -11.21 -3.63 -12.59
N VAL E 7 -11.75 -4.85 -12.48
CA VAL E 7 -11.26 -5.95 -13.27
C VAL E 7 -11.65 -5.71 -14.72
N ILE E 8 -10.67 -5.64 -15.60
CA ILE E 8 -10.90 -5.34 -17.00
C ILE E 8 -11.22 -6.62 -17.78
N HIS E 9 -12.08 -6.50 -18.79
CA HIS E 9 -12.47 -7.64 -19.62
C HIS E 9 -11.36 -7.93 -20.64
N PRO E 10 -11.08 -9.22 -20.92
CA PRO E 10 -10.10 -9.65 -21.92
C PRO E 10 -10.08 -8.89 -23.24
N ASP E 11 -11.27 -8.55 -23.75
CA ASP E 11 -11.39 -7.82 -25.03
C ASP E 11 -10.79 -6.41 -24.96
N ASP E 12 -10.67 -5.87 -23.75
CA ASP E 12 -10.13 -4.52 -23.55
C ASP E 12 -8.68 -4.49 -23.06
N PHE E 13 -8.00 -5.65 -23.07
CA PHE E 13 -6.59 -5.71 -22.63
C PHE E 13 -5.66 -4.90 -23.55
N ASP E 14 -5.87 -5.04 -24.87
CA ASP E 14 -5.08 -4.29 -25.87
C ASP E 14 -5.24 -2.76 -25.75
N LYS E 15 -6.37 -2.32 -25.19
CA LYS E 15 -6.66 -0.89 -24.97
C LYS E 15 -5.92 -0.35 -23.75
N ALA E 16 -5.47 -1.24 -22.86
CA ALA E 16 -4.82 -0.83 -21.59
C ALA E 16 -3.39 -0.33 -21.75
N ALA E 17 -3.00 0.58 -20.85
CA ALA E 17 -1.66 1.18 -20.82
C ALA E 17 -0.57 0.15 -20.62
N ALA E 18 -0.85 -0.86 -19.81
CA ALA E 18 0.10 -1.89 -19.47
C ALA E 18 0.42 -2.85 -20.62
N ASP E 19 -0.47 -2.98 -21.59
CA ASP E 19 -0.24 -3.89 -22.71
C ASP E 19 0.99 -3.50 -23.53
N ASP E 20 1.28 -2.19 -23.56
CA ASP E 20 2.45 -1.70 -24.30
C ASP E 20 3.75 -2.31 -23.74
N TYR E 21 3.73 -2.65 -22.45
CA TYR E 21 4.92 -3.16 -21.74
C TYR E 21 4.96 -4.69 -21.55
N VAL E 22 3.95 -5.39 -22.08
CA VAL E 22 3.93 -6.84 -22.05
C VAL E 22 4.74 -7.34 -23.24
N LEU E 23 5.57 -8.34 -22.99
CA LEU E 23 6.48 -8.88 -24.02
C LEU E 23 5.76 -9.83 -24.97
N HIS E 24 4.95 -9.27 -25.86
CA HIS E 24 4.24 -10.06 -26.87
C HIS E 24 5.21 -10.85 -27.74
N GLU E 25 6.36 -10.23 -28.01
CA GLU E 25 7.39 -10.82 -28.83
C GLU E 25 7.84 -12.18 -28.26
N ASP E 26 7.82 -12.33 -26.93
CA ASP E 26 8.17 -13.60 -26.29
C ASP E 26 6.93 -14.39 -25.87
N GLY E 27 5.79 -14.08 -26.50
CA GLY E 27 4.56 -14.80 -26.23
C GLY E 27 3.96 -14.55 -24.85
N GLU E 28 4.28 -13.41 -24.25
CA GLU E 28 3.68 -13.08 -22.98
C GLU E 28 2.20 -12.75 -23.18
N LYS E 29 1.35 -13.26 -22.30
CA LYS E 29 -0.08 -13.11 -22.42
C LYS E 29 -0.71 -12.64 -21.11
N ILE E 30 -1.63 -11.69 -21.21
CA ILE E 30 -2.30 -11.12 -20.04
C ILE E 30 -3.45 -12.01 -19.67
N TYR E 31 -3.51 -12.38 -18.40
CA TYR E 31 -4.57 -13.23 -17.87
C TYR E 31 -5.46 -12.46 -16.90
N PHE E 32 -5.00 -11.30 -16.43
CA PHE E 32 -5.76 -10.56 -15.44
C PHE E 32 -5.26 -9.11 -15.33
N LEU E 33 -6.17 -8.15 -15.42
CA LEU E 33 -5.81 -6.75 -15.37
C LEU E 33 -6.80 -6.00 -14.51
N ILE E 34 -6.27 -5.30 -13.51
CA ILE E 34 -7.05 -4.52 -12.59
C ILE E 34 -6.61 -3.10 -12.79
N LYS E 35 -7.53 -2.26 -13.26
CA LYS E 35 -7.24 -0.85 -13.49
C LYS E 35 -7.89 0.00 -12.42
N SER E 36 -7.09 0.87 -11.82
CA SER E 36 -7.56 1.86 -10.87
C SER E 36 -7.25 3.25 -11.46
N LYS E 37 -7.81 4.29 -10.84
CA LYS E 37 -7.57 5.65 -11.28
C LYS E 37 -6.07 6.01 -11.28
N THR E 38 -5.30 5.44 -10.35
CA THR E 38 -3.85 5.72 -10.24
C THR E 38 -2.94 4.56 -10.68
N ASP E 39 -3.37 3.32 -10.43
CA ASP E 39 -2.53 2.15 -10.70
C ASP E 39 -3.12 1.18 -11.70
N GLU E 40 -2.25 0.38 -12.30
CA GLU E 40 -2.62 -0.64 -13.26
C GLU E 40 -1.82 -1.91 -12.89
N TYR E 41 -2.53 -2.99 -12.57
CA TYR E 41 -1.92 -4.25 -12.12
C TYR E 41 -2.17 -5.37 -13.12
N CYS E 42 -1.13 -5.74 -13.87
CA CYS E 42 -1.25 -6.66 -15.00
C CYS E 42 -0.57 -7.99 -14.71
N PHE E 43 -1.36 -9.05 -14.60
CA PHE E 43 -0.87 -10.37 -14.30
C PHE E 43 -0.73 -11.16 -15.58
N THR E 44 0.50 -11.52 -15.93
CA THR E 44 0.76 -12.30 -17.13
C THR E 44 1.25 -13.71 -16.76
N ASN E 45 1.50 -14.54 -17.77
CA ASN E 45 2.08 -15.86 -17.54
C ASN E 45 3.51 -15.80 -17.00
N LEU E 46 4.17 -14.66 -17.18
CA LEU E 46 5.56 -14.50 -16.80
C LEU E 46 5.82 -13.52 -15.66
N ALA E 47 4.92 -12.58 -15.40
CA ALA E 47 5.19 -11.55 -14.39
C ALA E 47 3.97 -10.77 -13.93
N LEU E 48 4.19 -9.96 -12.91
CA LEU E 48 3.25 -8.92 -12.52
C LEU E 48 3.88 -7.66 -13.07
N VAL E 49 3.13 -7.01 -13.98
CA VAL E 49 3.53 -5.73 -14.56
C VAL E 49 2.66 -4.70 -13.86
N HIS E 50 3.29 -3.74 -13.20
CA HIS E 50 2.59 -2.78 -12.39
C HIS E 50 2.98 -1.36 -12.76
N LEU E 51 2.01 -0.58 -13.25
CA LEU E 51 2.17 0.85 -13.48
C LEU E 51 1.67 1.53 -12.20
N ASP E 52 2.58 2.21 -11.50
CA ASP E 52 2.29 2.83 -10.20
C ASP E 52 2.15 4.35 -10.31
N GLY E 53 1.12 4.92 -9.69
CA GLY E 53 0.88 6.37 -9.67
C GLY E 53 1.02 7.02 -8.29
N SER E 59 1.70 12.38 -11.92
CA SER E 59 1.22 12.28 -13.31
C SER E 59 2.01 11.13 -14.00
N LYS E 60 3.33 11.10 -13.79
CA LYS E 60 4.21 10.05 -14.34
C LYS E 60 4.01 8.71 -13.61
N ARG E 61 3.81 7.65 -14.39
CA ARG E 61 3.61 6.30 -13.88
C ARG E 61 4.94 5.56 -13.87
N VAL E 62 5.31 4.95 -12.75
CA VAL E 62 6.54 4.15 -12.67
C VAL E 62 6.25 2.67 -13.00
N LEU E 63 6.91 2.13 -14.03
CA LEU E 63 6.67 0.73 -14.47
C LEU E 63 7.55 -0.27 -13.73
N TYR E 64 6.91 -1.17 -13.00
CA TYR E 64 7.60 -2.25 -12.31
C TYR E 64 7.26 -3.56 -12.95
N ARG E 65 8.25 -4.41 -13.12
CA ARG E 65 8.02 -5.73 -13.68
C ARG E 65 8.70 -6.70 -12.75
N TYR E 66 7.92 -7.66 -12.27
CA TYR E 66 8.38 -8.67 -11.36
C TYR E 66 8.12 -10.02 -11.98
N PRO E 67 9.08 -10.55 -12.75
CA PRO E 67 8.92 -11.93 -13.27
C PRO E 67 8.84 -12.89 -12.12
N TYR E 68 7.96 -13.86 -12.25
CA TYR E 68 7.75 -14.84 -11.19
C TYR E 68 9.06 -15.58 -10.89
N ALA E 69 9.74 -16.00 -11.97
CA ALA E 69 11.02 -16.70 -11.92
C ALA E 69 12.04 -16.03 -10.98
N HIS E 70 12.06 -14.71 -10.89
CA HIS E 70 13.00 -14.03 -10.00
C HIS E 70 12.35 -13.46 -8.74
N TYR E 71 11.01 -13.33 -8.75
CA TYR E 71 10.27 -12.73 -7.62
C TYR E 71 9.14 -13.67 -7.18
N PRO E 72 9.37 -14.46 -6.15
CA PRO E 72 8.34 -15.35 -5.65
C PRO E 72 7.12 -14.66 -5.00
N ILE E 73 5.95 -15.25 -5.24
CA ILE E 73 4.70 -14.84 -4.62
C ILE E 73 4.52 -15.61 -3.32
N ARG E 74 4.36 -14.88 -2.21
CA ARG E 74 4.15 -15.45 -0.87
C ARG E 74 3.00 -14.74 -0.16
N HIS E 75 2.43 -15.41 0.83
CA HIS E 75 1.39 -14.82 1.72
C HIS E 75 0.16 -14.27 1.02
N VAL E 76 -0.38 -15.04 0.10
CA VAL E 76 -1.57 -14.68 -0.65
C VAL E 76 -2.81 -14.65 0.26
N PHE E 78 -6.86 -12.81 1.21
CA PHE E 78 -8.08 -12.23 0.66
C PHE E 78 -8.90 -11.62 1.77
N GLU E 79 -9.64 -10.58 1.42
CA GLU E 79 -10.50 -9.89 2.37
C GLU E 79 -11.82 -9.53 1.69
N THR E 80 -12.92 -10.02 2.26
CA THR E 80 -14.26 -9.81 1.68
C THR E 80 -14.86 -8.48 2.11
N ALA E 81 -15.95 -8.12 1.45
CA ALA E 81 -16.63 -6.88 1.75
C ALA E 81 -17.72 -7.12 2.80
N GLY E 82 -17.95 -6.11 3.64
CA GLY E 82 -19.06 -6.12 4.57
C GLY E 82 -20.27 -5.56 3.82
N THR E 83 -21.35 -5.31 4.55
CA THR E 83 -22.55 -4.70 3.98
C THR E 83 -22.25 -3.25 3.56
N VAL E 84 -21.49 -2.54 4.40
CA VAL E 84 -21.17 -1.14 4.17
C VAL E 84 -20.06 -0.88 3.15
N ASP E 85 -19.17 -1.85 2.99
CA ASP E 85 -17.98 -1.69 2.14
C ASP E 85 -18.29 -1.85 0.66
N LEU E 86 -17.52 -1.15 -0.17
CA LEU E 86 -17.67 -1.21 -1.62
C LEU E 86 -16.60 -2.08 -2.29
N ASP E 87 -15.57 -2.49 -1.54
CA ASP E 87 -14.46 -3.23 -2.12
C ASP E 87 -14.06 -4.53 -1.40
N VAL E 88 -13.42 -5.41 -2.18
CA VAL E 88 -12.75 -6.59 -1.67
C VAL E 88 -11.26 -6.33 -1.87
N GLU E 89 -10.43 -6.82 -0.95
CA GLU E 89 -8.98 -6.60 -1.02
C GLU E 89 -8.23 -7.95 -1.22
N ILE E 90 -7.35 -7.99 -2.24
CA ILE E 90 -6.45 -9.15 -2.44
C ILE E 90 -5.03 -8.72 -2.07
N LYS E 91 -4.36 -9.54 -1.26
CA LYS E 91 -3.00 -9.24 -0.82
C LYS E 91 -2.03 -10.34 -1.17
N PHE E 92 -0.76 -9.96 -1.26
CA PHE E 92 0.32 -10.87 -1.49
C PHE E 92 1.61 -10.08 -1.45
N GLU E 93 2.72 -10.81 -1.34
CA GLU E 93 4.05 -10.26 -1.42
C GLU E 93 4.72 -10.85 -2.62
N ILE E 94 5.33 -9.97 -3.43
CA ILE E 94 6.05 -10.40 -4.61
C ILE E 94 7.50 -9.90 -4.44
N GLY E 95 8.44 -10.83 -4.58
CA GLY E 95 9.77 -10.60 -4.07
C GLY E 95 9.41 -10.30 -2.62
N GLY E 96 9.95 -9.23 -2.06
CA GLY E 96 9.62 -8.85 -0.69
C GLY E 96 8.50 -7.81 -0.61
N LYS E 97 8.20 -7.17 -1.75
CA LYS E 97 7.30 -6.02 -1.75
C LYS E 97 5.86 -6.42 -1.45
N HIS E 98 5.19 -5.67 -0.57
CA HIS E 98 3.78 -5.94 -0.16
C HIS E 98 2.75 -5.32 -1.09
N TYR E 99 1.81 -6.12 -1.58
CA TYR E 99 0.74 -5.65 -2.46
C TYR E 99 -0.61 -5.84 -1.81
N SER E 100 -1.44 -4.82 -1.89
CA SER E 100 -2.79 -4.86 -1.39
C SER E 100 -3.66 -4.10 -2.40
N ILE E 101 -4.52 -4.83 -3.10
CA ILE E 101 -5.26 -4.26 -4.23
C ILE E 101 -6.76 -4.26 -3.98
N ASP E 102 -7.34 -3.07 -3.89
CA ASP E 102 -8.78 -2.92 -3.67
C ASP E 102 -9.58 -2.95 -4.97
N VAL E 103 -10.54 -3.87 -5.05
CA VAL E 103 -11.31 -4.11 -6.27
C VAL E 103 -12.81 -4.07 -5.98
N ASP E 104 -13.56 -3.52 -6.93
CA ASP E 104 -15.01 -3.42 -6.89
C ASP E 104 -15.66 -4.74 -6.44
N LYS E 105 -16.33 -4.74 -5.28
CA LYS E 105 -16.98 -5.95 -4.73
C LYS E 105 -17.96 -6.62 -5.71
N LYS E 106 -18.47 -5.87 -6.68
CA LYS E 106 -19.33 -6.43 -7.70
C LYS E 106 -18.64 -7.58 -8.44
N GLN E 107 -17.36 -7.43 -8.69
CA GLN E 107 -16.57 -8.39 -9.47
C GLN E 107 -15.86 -9.47 -8.60
N LEU E 108 -16.39 -9.69 -7.38
CA LEU E 108 -15.81 -10.64 -6.43
C LEU E 108 -15.51 -11.99 -7.04
N GLU E 109 -16.40 -12.47 -7.91
CA GLU E 109 -16.25 -13.81 -8.51
C GLU E 109 -14.99 -13.93 -9.41
N HIS E 110 -14.48 -12.79 -9.89
CA HIS E 110 -13.24 -12.75 -10.70
C HIS E 110 -12.02 -12.63 -9.80
N VAL E 111 -12.09 -11.77 -8.79
CA VAL E 111 -11.00 -11.59 -7.82
C VAL E 111 -10.75 -12.89 -7.01
N LYS E 112 -11.79 -13.68 -6.78
CA LYS E 112 -11.61 -14.92 -6.06
C LYS E 112 -10.81 -15.90 -6.93
N ASP E 113 -10.98 -15.81 -8.26
CA ASP E 113 -10.22 -16.67 -9.18
C ASP E 113 -8.75 -16.27 -9.26
N LEU E 114 -8.45 -14.99 -9.07
CA LEU E 114 -7.08 -14.50 -8.98
C LEU E 114 -6.49 -14.97 -7.67
N TYR E 115 -7.31 -14.98 -6.61
CA TYR E 115 -6.88 -15.49 -5.31
C TYR E 115 -6.38 -16.92 -5.46
N LYS E 116 -7.21 -17.77 -6.06
CA LYS E 116 -6.84 -19.17 -6.27
C LYS E 116 -5.58 -19.32 -7.11
N ALA E 117 -5.48 -18.54 -8.18
CA ALA E 117 -4.33 -18.62 -9.09
C ALA E 117 -3.01 -18.22 -8.40
N LEU E 118 -3.01 -17.08 -7.71
CA LEU E 118 -1.81 -16.66 -6.98
C LEU E 118 -1.40 -17.64 -5.88
N LEU E 119 -2.39 -18.27 -5.27
CA LEU E 119 -2.22 -19.21 -4.16
C LEU E 119 -1.50 -20.46 -4.64
N ALA E 120 -1.84 -20.88 -5.86
CA ALA E 120 -1.26 -22.06 -6.49
C ALA E 120 0.15 -21.76 -7.06
N ILE E 121 0.33 -20.55 -7.57
CA ILE E 121 1.64 -20.14 -8.03
C ILE E 121 2.59 -20.11 -6.84
N ALA E 122 2.15 -19.54 -5.72
CA ALA E 122 2.99 -19.44 -4.54
C ALA E 122 3.43 -20.82 -4.06
N GLU E 123 2.48 -21.75 -4.01
CA GLU E 123 2.80 -23.09 -3.56
C GLU E 123 3.81 -23.79 -4.48
N LYS E 124 3.63 -23.64 -5.79
CA LYS E 124 4.55 -24.28 -6.75
C LYS E 124 5.99 -23.77 -6.59
N GLN E 125 6.12 -22.47 -6.36
CA GLN E 125 7.41 -21.83 -6.16
C GLN E 125 8.06 -22.27 -4.86
N TYR E 126 7.25 -22.38 -3.81
CA TYR E 126 7.74 -22.86 -2.52
C TYR E 126 8.31 -24.27 -2.63
N GLU E 127 7.50 -25.16 -3.18
CA GLU E 127 7.87 -26.55 -3.34
C GLU E 127 9.12 -26.62 -4.23
N GLY E 128 9.21 -25.78 -5.25
CA GLY E 128 10.40 -25.75 -6.12
C GLY E 128 11.69 -25.38 -5.41
N GLN E 129 11.62 -24.53 -4.40
CA GLN E 129 12.77 -24.20 -3.59
C GLN E 129 13.22 -25.40 -2.78
N LYS E 130 12.28 -26.17 -2.25
CA LYS E 130 12.63 -27.37 -1.50
C LYS E 130 13.37 -28.34 -2.44
N LEU E 132 15.03 -27.68 -5.17
CA LEU E 132 16.38 -27.21 -5.45
C LEU E 132 17.38 -27.64 -4.36
N GLU E 133 16.98 -27.46 -3.09
CA GLU E 133 17.80 -27.90 -1.95
C GLU E 133 18.19 -29.38 -2.12
N PHE E 134 17.22 -30.24 -2.40
CA PHE E 134 17.51 -31.66 -2.60
C PHE E 134 18.47 -31.90 -3.76
N ALA E 135 18.27 -31.15 -4.84
CA ALA E 135 19.08 -31.30 -6.06
C ALA E 135 20.56 -31.03 -5.77
N ASN E 136 20.80 -30.00 -4.96
CA ASN E 136 22.12 -29.59 -4.60
C ASN E 136 22.73 -30.53 -3.61
N SER E 137 21.99 -30.90 -2.56
CA SER E 137 22.45 -31.94 -1.63
C SER E 137 22.76 -33.22 -2.38
N SER E 138 21.90 -33.65 -3.29
CA SER E 138 22.16 -34.93 -4.02
C SER E 138 23.47 -34.90 -4.76
N LEU E 139 23.75 -33.80 -5.44
CA LEU E 139 25.00 -33.69 -6.21
C LEU E 139 26.17 -33.84 -5.28
N ASN E 140 26.12 -33.13 -4.13
CA ASN E 140 27.12 -33.30 -3.07
C ASN E 140 27.29 -34.68 -2.55
N HIS E 141 26.19 -35.34 -2.23
CA HIS E 141 26.30 -36.78 -1.88
C HIS E 141 27.05 -37.57 -2.95
N SER E 142 26.78 -37.35 -4.23
CA SER E 142 27.46 -38.20 -5.28
C SER E 142 28.95 -37.96 -5.27
N VAL E 143 29.30 -36.71 -5.00
CA VAL E 143 30.68 -36.34 -5.09
C VAL E 143 31.42 -36.95 -3.92
N THR E 144 30.73 -37.05 -2.79
CA THR E 144 31.31 -37.65 -1.59
C THR E 144 31.45 -39.11 -1.81
N ILE E 145 30.40 -39.76 -2.28
CA ILE E 145 30.51 -41.20 -2.56
C ILE E 145 31.70 -41.42 -3.48
N LEU E 146 31.74 -40.70 -4.60
CA LEU E 146 32.77 -40.93 -5.62
C LEU E 146 34.13 -40.23 -5.43
N GLY E 147 34.30 -39.37 -4.44
CA GLY E 147 35.68 -38.92 -4.10
C GLY E 147 36.67 -40.11 -4.06
N GLY E 148 37.90 -39.82 -4.51
CA GLY E 148 39.05 -40.76 -4.50
C GLY E 148 38.83 -42.13 -5.09
N LEU E 149 39.09 -42.31 -6.38
CA LEU E 149 38.78 -43.55 -7.04
C LEU E 149 39.94 -44.55 -7.34
N ARG E 150 40.26 -44.77 -8.61
CA ARG E 150 41.16 -45.81 -9.11
C ARG E 150 41.47 -45.52 -10.60
N GLN E 151 41.76 -46.54 -11.44
CA GLN E 151 41.96 -46.30 -12.90
C GLN E 151 41.84 -47.54 -13.81
N GLY E 152 41.89 -47.33 -15.13
CA GLY E 152 41.74 -48.39 -16.11
C GLY E 152 40.28 -48.57 -16.52
N ASN E 155 40.42 -42.86 -19.33
CA ASN E 155 40.89 -41.69 -20.04
C ASN E 155 40.71 -40.53 -19.07
N VAL E 156 41.74 -40.20 -18.35
CA VAL E 156 41.55 -39.21 -17.28
C VAL E 156 40.98 -37.91 -17.87
N PRO E 157 41.58 -37.38 -18.96
CA PRO E 157 41.01 -36.13 -19.47
C PRO E 157 39.61 -36.27 -20.07
N GLN E 158 39.31 -37.37 -20.83
CA GLN E 158 37.93 -37.52 -21.33
C GLN E 158 36.92 -37.66 -20.21
N THR E 159 37.33 -38.22 -19.09
CA THR E 159 36.48 -38.43 -17.95
C THR E 159 36.36 -37.08 -17.22
N PHE E 160 37.43 -36.31 -17.18
CA PHE E 160 37.42 -34.98 -16.46
C PHE E 160 36.38 -34.05 -17.11
N LYS E 161 36.43 -34.00 -18.44
CA LYS E 161 35.45 -33.26 -19.25
C LYS E 161 34.02 -33.72 -19.02
N ASP E 162 33.76 -35.03 -19.29
CA ASP E 162 32.44 -35.67 -19.10
C ASP E 162 31.93 -35.51 -17.65
N LEU E 163 32.76 -35.78 -16.69
CA LEU E 163 32.32 -35.54 -15.29
C LEU E 163 31.92 -34.09 -15.03
N SER E 164 32.75 -33.17 -15.47
CA SER E 164 32.45 -31.72 -15.39
C SER E 164 31.10 -31.32 -16.03
N GLN E 165 30.85 -31.91 -17.21
CA GLN E 165 29.60 -31.68 -17.93
C GLN E 165 28.38 -32.16 -17.18
N GLU E 166 28.46 -33.38 -16.65
CA GLU E 166 27.39 -33.92 -15.84
C GLU E 166 27.08 -33.00 -14.69
N SER E 167 28.09 -32.54 -14.01
CA SER E 167 27.82 -31.69 -12.91
C SER E 167 27.12 -30.40 -13.42
N PHE E 168 27.49 -29.95 -14.63
CA PHE E 168 26.95 -28.69 -15.13
C PHE E 168 25.48 -28.85 -15.51
N ASP E 169 25.22 -29.90 -16.26
CA ASP E 169 23.89 -30.26 -16.66
C ASP E 169 22.96 -30.37 -15.45
N TRP E 170 23.40 -31.04 -14.40
CA TRP E 170 22.58 -31.24 -13.25
C TRP E 170 22.27 -29.87 -12.62
N LEU E 171 23.30 -29.09 -12.34
CA LEU E 171 23.09 -27.82 -11.71
C LEU E 171 22.16 -26.94 -12.52
N GLN E 172 22.40 -26.93 -13.82
CA GLN E 172 21.65 -26.09 -14.74
C GLN E 172 20.22 -26.55 -14.88
N GLY E 173 20.05 -27.84 -15.19
CA GLY E 173 18.74 -28.44 -15.40
C GLY E 173 17.85 -28.14 -14.22
N HIS E 174 18.32 -28.45 -13.03
CA HIS E 174 17.54 -28.22 -11.83
C HIS E 174 17.29 -26.71 -11.63
N TYR E 175 18.23 -25.87 -12.03
CA TYR E 175 18.05 -24.42 -11.89
C TYR E 175 16.87 -23.93 -12.72
N TYR E 176 16.77 -24.42 -13.95
CA TYR E 176 15.64 -24.05 -14.76
C TYR E 176 14.37 -24.80 -14.38
N LYS E 177 14.47 -26.06 -14.01
CA LYS E 177 13.27 -26.83 -13.70
C LYS E 177 12.50 -26.23 -12.51
N TRP E 178 13.20 -25.79 -11.47
CA TRP E 178 12.54 -25.37 -10.23
C TRP E 178 12.38 -23.87 -10.07
N ASN E 179 13.02 -23.12 -10.95
CA ASN E 179 12.77 -21.70 -11.08
C ASN E 179 11.97 -21.52 -12.37
N GLN E 180 10.77 -22.11 -12.44
CA GLN E 180 10.02 -22.01 -13.68
C GLN E 180 9.54 -20.57 -13.94
N LYS E 181 9.51 -20.26 -15.22
CA LYS E 181 9.25 -18.93 -15.71
C LYS E 181 7.77 -18.74 -15.98
N ASP E 182 7.14 -19.73 -16.61
CA ASP E 182 5.77 -19.63 -17.10
C ASP E 182 4.75 -20.24 -16.13
N PHE E 183 3.78 -19.43 -15.71
CA PHE E 183 2.68 -19.89 -14.87
C PHE E 183 1.33 -19.66 -15.54
N GLY E 184 1.31 -19.63 -16.87
CA GLY E 184 0.09 -19.43 -17.63
C GLY E 184 -0.99 -20.45 -17.32
N SER E 185 -0.60 -21.72 -17.22
CA SER E 185 -1.57 -22.81 -16.98
C SER E 185 -2.34 -22.66 -15.68
N PHE E 186 -1.71 -22.04 -14.69
CA PHE E 186 -2.32 -21.85 -13.38
C PHE E 186 -3.45 -20.84 -13.45
N TYR E 187 -3.25 -19.77 -14.20
CA TYR E 187 -4.31 -18.80 -14.46
C TYR E 187 -5.38 -19.46 -15.34
N GLU E 188 -4.93 -20.14 -16.39
CA GLU E 188 -5.81 -20.82 -17.32
C GLU E 188 -6.73 -21.80 -16.60
N LYS E 189 -6.23 -22.42 -15.54
CA LYS E 189 -7.00 -23.40 -14.76
C LYS E 189 -8.12 -22.76 -13.93
N TYR E 190 -7.87 -21.61 -13.32
CA TYR E 190 -8.82 -20.97 -12.40
C TYR E 190 -9.69 -19.87 -13.02
N ILE E 191 -9.16 -19.15 -14.01
CA ILE E 191 -9.86 -18.01 -14.61
C ILE E 191 -11.04 -18.41 -15.52
N ASN E 192 -10.93 -19.55 -16.22
CA ASN E 192 -12.01 -20.05 -17.10
C ASN E 192 -13.13 -19.05 -17.45
N ILE F 4 -20.90 -18.73 20.91
CA ILE F 4 -21.48 -20.08 20.63
C ILE F 4 -21.79 -20.25 19.14
N GLY F 5 -20.78 -20.71 18.40
CA GLY F 5 -20.92 -21.02 16.97
C GLY F 5 -21.78 -22.25 16.71
N GLN F 6 -22.14 -22.47 15.45
CA GLN F 6 -23.06 -23.53 15.05
C GLN F 6 -22.41 -24.43 14.03
N VAL F 7 -22.51 -25.74 14.26
CA VAL F 7 -22.06 -26.70 13.27
C VAL F 7 -23.11 -26.73 12.14
N ILE F 8 -22.68 -26.35 10.95
CA ILE F 8 -23.54 -26.30 9.79
C ILE F 8 -23.68 -27.67 9.17
N HIS F 9 -24.88 -27.98 8.67
CA HIS F 9 -25.18 -29.27 8.05
C HIS F 9 -24.63 -29.30 6.62
N PRO F 10 -24.03 -30.45 6.22
CA PRO F 10 -23.47 -30.65 4.86
C PRO F 10 -24.29 -30.05 3.71
N ASP F 11 -25.62 -30.22 3.77
CA ASP F 11 -26.55 -29.68 2.76
C ASP F 11 -26.45 -28.15 2.61
N ASP F 12 -25.91 -27.48 3.63
CA ASP F 12 -25.79 -26.01 3.63
C ASP F 12 -24.35 -25.51 3.45
N PHE F 13 -23.41 -26.39 3.12
CA PHE F 13 -22.02 -25.97 2.91
C PHE F 13 -21.88 -25.03 1.72
N ASP F 14 -22.59 -25.33 0.63
CA ASP F 14 -22.60 -24.47 -0.58
C ASP F 14 -23.23 -23.08 -0.36
N LYS F 15 -24.02 -22.93 0.72
CA LYS F 15 -24.63 -21.65 1.09
C LYS F 15 -23.71 -20.79 1.97
N ALA F 16 -22.57 -21.33 2.39
CA ALA F 16 -21.64 -20.62 3.27
C ALA F 16 -20.69 -19.73 2.48
N ALA F 17 -20.21 -18.67 3.15
CA ALA F 17 -19.21 -17.76 2.58
C ALA F 17 -17.90 -18.50 2.29
N ALA F 18 -17.49 -19.40 3.18
CA ALA F 18 -16.24 -20.14 3.05
C ALA F 18 -16.17 -21.07 1.84
N ASP F 19 -17.31 -21.52 1.31
CA ASP F 19 -17.33 -22.40 0.15
C ASP F 19 -16.74 -21.75 -1.12
N ASP F 20 -16.89 -20.44 -1.25
CA ASP F 20 -16.33 -19.71 -2.38
C ASP F 20 -14.80 -19.84 -2.42
N TYR F 21 -14.20 -20.00 -1.25
CA TYR F 21 -12.75 -20.03 -1.13
C TYR F 21 -12.17 -21.44 -1.02
N VAL F 22 -13.04 -22.45 -1.16
CA VAL F 22 -12.59 -23.83 -1.22
C VAL F 22 -12.16 -24.07 -2.66
N LEU F 23 -11.07 -24.82 -2.82
CA LEU F 23 -10.49 -25.11 -4.13
C LEU F 23 -11.19 -26.33 -4.72
N HIS F 24 -12.42 -26.14 -5.17
CA HIS F 24 -13.19 -27.21 -5.77
C HIS F 24 -12.50 -27.75 -7.01
N GLU F 25 -11.78 -26.85 -7.68
CA GLU F 25 -11.02 -27.19 -8.88
C GLU F 25 -10.00 -28.31 -8.60
N ASP F 26 -9.41 -28.30 -7.41
CA ASP F 26 -8.46 -29.34 -7.01
C ASP F 26 -9.11 -30.40 -6.12
N GLY F 27 -10.42 -30.56 -6.24
CA GLY F 27 -11.15 -31.59 -5.49
C GLY F 27 -11.29 -31.37 -3.99
N GLU F 28 -11.02 -30.16 -3.52
CA GLU F 28 -11.11 -29.88 -2.09
C GLU F 28 -12.54 -30.01 -1.64
N LYS F 29 -12.73 -30.67 -0.50
CA LYS F 29 -14.06 -31.00 -0.02
C LYS F 29 -14.21 -30.62 1.46
N ILE F 30 -15.32 -29.96 1.79
CA ILE F 30 -15.60 -29.51 3.15
C ILE F 30 -16.12 -30.68 3.95
N TYR F 31 -15.50 -30.92 5.09
CA TYR F 31 -15.92 -32.00 5.99
C TYR F 31 -16.55 -31.45 7.26
N PHE F 32 -16.34 -30.17 7.54
CA PHE F 32 -16.81 -29.60 8.79
C PHE F 32 -16.78 -28.09 8.73
N LEU F 33 -17.90 -27.46 9.02
CA LEU F 33 -18.01 -26.01 8.99
C LEU F 33 -18.68 -25.49 10.25
N ILE F 34 -18.01 -24.60 10.97
CA ILE F 34 -18.55 -23.99 12.19
C ILE F 34 -18.73 -22.53 11.89
N LYS F 35 -19.99 -22.08 11.87
CA LYS F 35 -20.27 -20.69 11.57
C LYS F 35 -20.61 -20.00 12.87
N SER F 36 -19.92 -18.89 13.12
CA SER F 36 -20.22 -18.01 14.22
C SER F 36 -20.59 -16.64 13.64
N LYS F 37 -21.18 -15.82 14.49
CA LYS F 37 -21.63 -14.47 14.15
C LYS F 37 -20.51 -13.62 13.53
N THR F 38 -19.28 -13.82 14.00
CA THR F 38 -18.12 -13.07 13.51
C THR F 38 -17.13 -13.92 12.69
N ASP F 39 -17.05 -15.22 12.96
CA ASP F 39 -16.08 -16.10 12.31
C ASP F 39 -16.70 -17.34 11.63
N GLU F 40 -15.95 -17.91 10.71
CA GLU F 40 -16.35 -19.09 9.95
C GLU F 40 -15.12 -20.01 9.88
N TYR F 41 -15.25 -21.23 10.38
CA TYR F 41 -14.14 -22.18 10.44
C TYR F 41 -14.44 -23.41 9.59
N CYS F 42 -13.72 -23.50 8.47
CA CYS F 42 -13.98 -24.52 7.46
C CYS F 42 -12.86 -25.56 7.36
N PHE F 43 -13.14 -26.77 7.83
CA PHE F 43 -12.18 -27.85 7.81
C PHE F 43 -12.38 -28.73 6.58
N THR F 44 -11.41 -28.71 5.69
CA THR F 44 -11.46 -29.50 4.46
C THR F 44 -10.45 -30.65 4.52
N ASN F 45 -10.37 -31.45 3.45
CA ASN F 45 -9.37 -32.51 3.34
C ASN F 45 -7.95 -32.02 3.12
N LEU F 46 -7.79 -30.72 2.85
CA LEU F 46 -6.50 -30.11 2.59
C LEU F 46 -6.14 -29.00 3.57
N ALA F 47 -7.12 -28.33 4.19
CA ALA F 47 -6.78 -27.17 5.02
C ALA F 47 -7.86 -26.73 5.98
N LEU F 48 -7.48 -25.79 6.84
CA LEU F 48 -8.41 -25.02 7.66
C LEU F 48 -8.51 -23.70 6.91
N VAL F 49 -9.73 -23.40 6.44
CA VAL F 49 -10.05 -22.14 5.80
C VAL F 49 -10.82 -21.35 6.85
N HIS F 50 -10.26 -20.18 7.21
CA HIS F 50 -10.77 -19.36 8.28
C HIS F 50 -11.09 -17.94 7.81
N LEU F 51 -12.36 -17.56 7.93
CA LEU F 51 -12.83 -16.20 7.67
C LEU F 51 -12.89 -15.53 9.05
N ASP F 52 -11.94 -14.63 9.31
CA ASP F 52 -11.84 -13.93 10.61
C ASP F 52 -12.46 -12.54 10.57
N GLY F 53 -13.34 -12.27 11.55
CA GLY F 53 -14.03 -10.98 11.67
C GLY F 53 -13.66 -10.22 12.94
N LYS F 60 -15.76 -6.31 7.14
CA LYS F 60 -14.73 -6.97 6.35
C LYS F 60 -14.20 -8.25 7.05
N ARG F 61 -13.96 -9.32 6.27
CA ARG F 61 -13.45 -10.62 6.79
C ARG F 61 -12.09 -10.91 6.21
N VAL F 62 -11.12 -11.21 7.07
CA VAL F 62 -9.78 -11.60 6.60
C VAL F 62 -9.76 -13.12 6.36
N LEU F 63 -9.46 -13.54 5.13
CA LEU F 63 -9.47 -14.98 4.75
C LEU F 63 -8.10 -15.67 4.88
N TYR F 64 -7.98 -16.55 5.86
CA TYR F 64 -6.75 -17.32 6.08
C TYR F 64 -6.89 -18.71 5.52
N ARG F 65 -5.78 -19.28 5.08
CA ARG F 65 -5.75 -20.67 4.61
C ARG F 65 -4.52 -21.35 5.15
N TYR F 66 -4.73 -22.42 5.91
CA TYR F 66 -3.64 -23.16 6.50
C TYR F 66 -3.73 -24.58 6.00
N PRO F 67 -3.04 -24.89 4.88
CA PRO F 67 -2.98 -26.28 4.44
C PRO F 67 -2.25 -27.09 5.49
N TYR F 68 -2.73 -28.29 5.77
CA TYR F 68 -2.14 -29.13 6.79
C TYR F 68 -0.67 -29.40 6.49
N ALA F 69 -0.38 -29.71 5.23
CA ALA F 69 0.99 -30.01 4.80
C ALA F 69 1.99 -28.94 5.20
N HIS F 70 1.59 -27.67 5.26
CA HIS F 70 2.50 -26.57 5.64
C HIS F 70 2.28 -25.99 7.02
N TYR F 71 1.17 -26.39 7.65
CA TYR F 71 0.81 -25.94 8.98
C TYR F 71 0.31 -27.16 9.74
N PRO F 72 1.20 -27.83 10.50
CA PRO F 72 0.80 -28.98 11.32
C PRO F 72 -0.09 -28.62 12.51
N ILE F 73 -0.98 -29.56 12.85
CA ILE F 73 -1.89 -29.46 13.97
C ILE F 73 -1.26 -30.06 15.23
N ARG F 74 -1.34 -29.32 16.33
CA ARG F 74 -0.76 -29.76 17.58
C ARG F 74 -1.62 -29.31 18.75
N HIS F 75 -1.48 -30.05 19.85
CA HIS F 75 -2.16 -29.73 21.10
C HIS F 75 -3.67 -29.58 20.94
N VAL F 76 -4.29 -30.60 20.36
CA VAL F 76 -5.74 -30.68 20.20
C VAL F 76 -6.38 -30.93 21.56
N PHE F 78 -10.05 -30.42 24.26
CA PHE F 78 -11.50 -30.32 24.33
C PHE F 78 -11.94 -29.96 25.73
N GLU F 79 -13.03 -29.21 25.78
CA GLU F 79 -13.58 -28.77 27.04
C GLU F 79 -15.10 -28.88 26.97
N THR F 80 -15.69 -29.63 27.88
CA THR F 80 -17.13 -29.86 27.89
C THR F 80 -17.87 -28.68 28.52
N ALA F 81 -19.20 -28.75 28.50
CA ALA F 81 -20.04 -27.70 29.08
C ALA F 81 -20.53 -28.13 30.46
N GLY F 82 -20.69 -27.15 31.35
CA GLY F 82 -21.30 -27.37 32.66
C GLY F 82 -22.81 -27.18 32.57
N THR F 83 -23.50 -27.33 33.70
CA THR F 83 -24.95 -27.16 33.74
C THR F 83 -25.33 -25.74 33.31
N VAL F 84 -24.53 -24.75 33.72
CA VAL F 84 -24.78 -23.33 33.44
C VAL F 84 -24.26 -22.82 32.07
N ASP F 85 -23.28 -23.50 31.49
CA ASP F 85 -22.68 -23.06 30.22
C ASP F 85 -23.49 -23.49 28.99
N LEU F 86 -23.44 -22.66 27.94
CA LEU F 86 -24.13 -22.91 26.67
C LEU F 86 -23.22 -23.48 25.57
N ASP F 87 -21.91 -23.57 25.82
CA ASP F 87 -20.95 -23.97 24.79
C ASP F 87 -19.89 -25.00 25.22
N VAL F 88 -19.39 -25.74 24.23
CA VAL F 88 -18.23 -26.61 24.41
C VAL F 88 -17.12 -25.95 23.61
N GLU F 89 -15.88 -26.10 24.05
CA GLU F 89 -14.74 -25.47 23.39
C GLU F 89 -13.72 -26.49 22.88
N ILE F 90 -13.41 -26.40 21.59
CA ILE F 90 -12.34 -27.22 21.01
C ILE F 90 -11.14 -26.30 20.78
N LYS F 91 -9.95 -26.77 21.16
CA LYS F 91 -8.73 -26.00 20.98
C LYS F 91 -7.68 -26.79 20.20
N PHE F 92 -6.81 -26.06 19.54
CA PHE F 92 -5.68 -26.62 18.83
C PHE F 92 -4.77 -25.50 18.36
N GLU F 93 -3.56 -25.89 17.94
CA GLU F 93 -2.62 -24.98 17.33
C GLU F 93 -2.37 -25.53 15.93
N ILE F 94 -2.45 -24.64 14.95
CA ILE F 94 -2.23 -24.95 13.55
C ILE F 94 -1.10 -24.01 13.11
N GLY F 95 -0.02 -24.60 12.59
CA GLY F 95 1.22 -23.86 12.48
C GLY F 95 1.44 -23.58 13.96
N GLY F 96 1.79 -22.34 14.29
CA GLY F 96 1.95 -21.98 15.70
C GLY F 96 0.75 -21.24 16.28
N LYS F 97 -0.23 -20.93 15.42
CA LYS F 97 -1.37 -20.09 15.81
C LYS F 97 -2.37 -20.86 16.69
N HIS F 98 -2.75 -20.25 17.82
CA HIS F 98 -3.70 -20.84 18.78
C HIS F 98 -5.14 -20.68 18.31
N TYR F 99 -5.90 -21.77 18.31
CA TYR F 99 -7.30 -21.72 17.95
C TYR F 99 -8.15 -22.26 19.07
N SER F 100 -9.16 -21.49 19.44
CA SER F 100 -10.11 -21.89 20.45
C SER F 100 -11.48 -21.50 19.89
N ILE F 101 -12.31 -22.51 19.64
CA ILE F 101 -13.61 -22.34 18.99
C ILE F 101 -14.72 -22.84 19.89
N ASP F 102 -15.59 -21.92 20.32
CA ASP F 102 -16.75 -22.24 21.17
C ASP F 102 -17.92 -22.67 20.30
N VAL F 103 -18.55 -23.79 20.64
CA VAL F 103 -19.64 -24.35 19.84
C VAL F 103 -20.85 -24.70 20.70
N ASP F 104 -22.03 -24.51 20.12
CA ASP F 104 -23.30 -24.84 20.77
C ASP F 104 -23.22 -26.22 21.41
N LYS F 105 -23.36 -26.29 22.73
CA LYS F 105 -23.30 -27.57 23.44
C LYS F 105 -24.31 -28.59 22.91
N LYS F 106 -25.40 -28.13 22.29
CA LYS F 106 -26.39 -29.02 21.68
C LYS F 106 -25.74 -29.93 20.63
N GLN F 107 -24.77 -29.40 19.91
CA GLN F 107 -24.10 -30.14 18.84
C GLN F 107 -22.81 -30.83 19.29
N LEU F 108 -22.70 -31.12 20.59
CA LEU F 108 -21.52 -31.79 21.16
C LEU F 108 -21.12 -33.05 20.38
N GLU F 109 -22.13 -33.85 19.99
CA GLU F 109 -21.90 -35.10 19.25
C GLU F 109 -21.06 -34.89 17.99
N HIS F 110 -21.24 -33.73 17.35
CA HIS F 110 -20.47 -33.38 16.15
C HIS F 110 -19.08 -32.85 16.49
N VAL F 111 -19.01 -31.92 17.45
CA VAL F 111 -17.73 -31.34 17.89
C VAL F 111 -16.79 -32.43 18.43
N LYS F 112 -17.35 -33.44 19.07
CA LYS F 112 -16.55 -34.54 19.59
C LYS F 112 -15.92 -35.34 18.44
N ASP F 113 -16.60 -35.42 17.30
CA ASP F 113 -16.04 -36.13 16.12
C ASP F 113 -14.91 -35.33 15.43
N LEU F 114 -15.00 -34.00 15.49
CA LEU F 114 -13.95 -33.10 14.98
C LEU F 114 -12.72 -33.24 15.87
N TYR F 115 -12.94 -33.30 17.19
CA TYR F 115 -11.88 -33.54 18.16
C TYR F 115 -11.09 -34.79 17.77
N LYS F 116 -11.81 -35.88 17.53
CA LYS F 116 -11.20 -37.14 17.18
C LYS F 116 -10.41 -37.05 15.88
N ALA F 117 -10.94 -36.33 14.89
CA ALA F 117 -10.24 -36.21 13.60
C ALA F 117 -8.96 -35.39 13.74
N LEU F 118 -9.07 -34.21 14.36
CA LEU F 118 -7.92 -33.34 14.56
C LEU F 118 -6.83 -34.06 15.32
N LEU F 119 -7.24 -34.84 16.30
CA LEU F 119 -6.33 -35.61 17.16
C LEU F 119 -5.54 -36.62 16.32
N ALA F 120 -6.23 -37.27 15.38
CA ALA F 120 -5.62 -38.29 14.52
C ALA F 120 -4.65 -37.69 13.51
N ILE F 121 -5.05 -36.55 12.92
CA ILE F 121 -4.22 -35.79 11.99
C ILE F 121 -2.94 -35.33 12.69
N ALA F 122 -3.08 -34.78 13.90
CA ALA F 122 -1.94 -34.31 14.68
C ALA F 122 -0.93 -35.43 14.92
N GLU F 123 -1.44 -36.62 15.22
CA GLU F 123 -0.57 -37.76 15.47
C GLU F 123 0.09 -38.22 14.19
N LYS F 124 -0.65 -38.27 13.10
CA LYS F 124 -0.06 -38.70 11.83
C LYS F 124 1.11 -37.77 11.44
N GLN F 125 0.87 -36.47 11.54
CA GLN F 125 1.88 -35.48 11.20
C GLN F 125 3.11 -35.60 12.09
N TYR F 126 2.90 -35.82 13.37
CA TYR F 126 3.98 -35.98 14.32
C TYR F 126 4.85 -37.16 13.89
N GLU F 127 4.19 -38.28 13.66
CA GLU F 127 4.88 -39.50 13.26
C GLU F 127 5.62 -39.27 11.93
N GLY F 128 5.00 -38.59 11.00
CA GLY F 128 5.65 -38.29 9.72
C GLY F 128 6.97 -37.53 9.86
N GLN F 129 7.04 -36.60 10.82
CA GLN F 129 8.28 -35.91 11.13
C GLN F 129 9.39 -36.81 11.67
N LYS F 130 9.02 -37.85 12.44
CA LYS F 130 9.98 -38.82 12.94
C LYS F 130 10.55 -39.61 11.77
N LEU F 132 10.78 -38.57 8.72
CA LEU F 132 11.62 -37.70 7.88
C LEU F 132 13.04 -37.69 8.44
N GLU F 133 13.14 -37.57 9.76
CA GLU F 133 14.40 -37.70 10.45
C GLU F 133 15.05 -39.05 10.06
N PHE F 134 14.37 -40.17 10.26
CA PHE F 134 15.00 -41.44 9.89
C PHE F 134 15.49 -41.42 8.43
N ALA F 135 14.69 -40.79 7.56
CA ALA F 135 14.99 -40.68 6.12
C ALA F 135 16.32 -39.98 5.91
N ASN F 136 16.48 -38.83 6.58
CA ASN F 136 17.69 -38.08 6.36
C ASN F 136 18.87 -38.87 6.86
N SER F 137 18.84 -39.26 8.13
CA SER F 137 19.91 -40.09 8.70
C SER F 137 20.23 -41.30 7.82
N SER F 138 19.22 -41.91 7.24
CA SER F 138 19.52 -43.16 6.48
C SER F 138 20.41 -42.90 5.25
N LEU F 139 20.03 -41.88 4.49
CA LEU F 139 20.79 -41.39 3.33
C LEU F 139 22.26 -41.08 3.67
N ASN F 140 22.45 -40.37 4.77
CA ASN F 140 23.78 -40.13 5.33
C ASN F 140 24.58 -41.34 5.76
N HIS F 141 23.95 -42.23 6.51
CA HIS F 141 24.64 -43.45 6.81
C HIS F 141 25.11 -44.06 5.50
N SER F 142 24.34 -44.00 4.41
CA SER F 142 24.75 -44.80 3.14
C SER F 142 25.94 -44.12 2.49
N VAL F 143 25.96 -42.80 2.70
CA VAL F 143 26.98 -42.00 2.08
C VAL F 143 28.28 -42.29 2.77
N THR F 144 28.21 -42.47 4.09
CA THR F 144 29.37 -42.84 4.91
C THR F 144 29.79 -44.30 4.54
N ILE F 145 28.84 -45.18 4.41
CA ILE F 145 29.22 -46.54 4.06
C ILE F 145 29.90 -46.55 2.71
N LEU F 146 29.28 -45.94 1.68
CA LEU F 146 29.68 -46.22 0.26
C LEU F 146 30.83 -45.40 -0.29
N GLY F 147 31.09 -44.26 0.38
CA GLY F 147 32.28 -43.55 0.03
C GLY F 147 33.56 -44.40 0.04
N GLY F 148 34.48 -44.08 -0.89
CA GLY F 148 35.82 -44.63 -0.93
C GLY F 148 35.83 -45.84 -1.81
N LEU F 149 35.25 -45.71 -2.99
CA LEU F 149 35.15 -46.88 -3.88
C LEU F 149 36.39 -47.01 -4.73
N ARG F 150 36.31 -47.92 -5.68
CA ARG F 150 37.37 -48.22 -6.60
C ARG F 150 36.65 -48.07 -7.95
N GLN F 151 37.40 -48.00 -9.06
CA GLN F 151 36.77 -47.86 -10.37
C GLN F 151 36.01 -49.13 -10.81
N GLY F 152 36.68 -50.28 -10.82
CA GLY F 152 36.01 -51.50 -11.25
C GLY F 152 35.54 -51.32 -12.69
N ASP F 153 34.38 -51.90 -13.02
CA ASP F 153 33.79 -51.82 -14.37
C ASP F 153 32.83 -50.61 -14.51
N ASN F 155 31.34 -46.77 -15.39
CA ASN F 155 31.20 -45.62 -16.23
C ASN F 155 31.04 -44.52 -15.19
N VAL F 156 32.10 -43.79 -14.92
CA VAL F 156 32.01 -42.81 -13.82
C VAL F 156 30.95 -41.74 -14.04
N PRO F 157 30.88 -41.09 -15.23
CA PRO F 157 29.82 -40.08 -15.39
C PRO F 157 28.39 -40.62 -15.29
N GLN F 158 28.09 -41.80 -15.88
CA GLN F 158 26.74 -42.35 -15.75
C GLN F 158 26.38 -42.62 -14.27
N THR F 159 27.34 -43.12 -13.52
CA THR F 159 27.17 -43.47 -12.12
C THR F 159 27.03 -42.21 -11.29
N PHE F 160 27.69 -41.15 -11.71
CA PHE F 160 27.59 -39.90 -11.05
C PHE F 160 26.16 -39.32 -11.24
N LYS F 161 25.60 -39.56 -12.42
CA LYS F 161 24.28 -39.05 -12.80
C LYS F 161 23.28 -39.81 -12.03
N ASP F 162 23.29 -41.12 -12.24
CA ASP F 162 22.40 -42.06 -11.57
C ASP F 162 22.45 -41.95 -10.04
N LEU F 163 23.63 -41.74 -9.48
CA LEU F 163 23.74 -41.67 -8.06
C LEU F 163 23.10 -40.38 -7.58
N SER F 164 23.34 -39.25 -8.26
CA SER F 164 22.66 -37.99 -7.91
C SER F 164 21.14 -38.12 -8.04
N GLN F 165 20.68 -38.87 -9.07
CA GLN F 165 19.24 -39.07 -9.23
CA GLN F 165 19.26 -39.17 -9.30
C GLN F 165 18.69 -39.94 -8.12
N GLU F 166 19.42 -40.99 -7.71
CA GLU F 166 18.95 -41.81 -6.59
C GLU F 166 18.75 -41.03 -5.33
N SER F 167 19.73 -40.23 -4.98
CA SER F 167 19.62 -39.35 -3.82
C SER F 167 18.44 -38.39 -3.95
N PHE F 168 18.17 -37.88 -5.15
CA PHE F 168 17.12 -36.88 -5.30
C PHE F 168 15.72 -37.52 -5.06
N ASP F 169 15.59 -38.70 -5.60
CA ASP F 169 14.38 -39.49 -5.44
CA ASP F 169 14.38 -39.49 -5.46
C ASP F 169 14.04 -39.75 -3.97
N TRP F 170 15.06 -40.09 -3.20
CA TRP F 170 14.88 -40.43 -1.79
C TRP F 170 14.49 -39.19 -1.00
N LEU F 171 15.24 -38.11 -1.19
CA LEU F 171 14.94 -36.92 -0.48
C LEU F 171 13.54 -36.49 -0.81
N GLN F 172 13.15 -36.69 -2.07
CA GLN F 172 11.90 -36.18 -2.58
C GLN F 172 10.71 -37.05 -2.19
N GLY F 173 10.78 -38.33 -2.54
CA GLY F 173 9.75 -39.30 -2.18
C GLY F 173 9.37 -39.24 -0.71
N HIS F 174 10.39 -39.15 0.16
CA HIS F 174 10.17 -39.05 1.59
C HIS F 174 9.55 -37.69 1.88
N TYR F 175 9.99 -36.63 1.23
CA TYR F 175 9.43 -35.28 1.50
C TYR F 175 7.91 -35.27 1.30
N TYR F 176 7.45 -35.90 0.23
CA TYR F 176 6.06 -35.94 -0.09
C TYR F 176 5.31 -36.99 0.66
N LYS F 177 5.98 -38.06 1.08
CA LYS F 177 5.29 -39.15 1.75
C LYS F 177 4.95 -38.75 3.16
N TRP F 178 5.88 -38.10 3.83
CA TRP F 178 5.69 -37.78 5.24
C TRP F 178 5.13 -36.40 5.46
N ASN F 179 5.05 -35.58 4.41
CA ASN F 179 4.33 -34.28 4.51
C ASN F 179 3.07 -34.46 3.67
N GLN F 180 2.21 -35.37 4.08
CA GLN F 180 1.04 -35.61 3.25
C GLN F 180 0.10 -34.40 3.27
N LYS F 181 -0.58 -34.25 2.14
CA LYS F 181 -1.45 -33.11 1.86
C LYS F 181 -2.90 -33.37 2.24
N ASP F 182 -3.40 -34.54 1.87
CA ASP F 182 -4.81 -34.90 1.99
C ASP F 182 -5.12 -35.76 3.22
N PHE F 183 -5.95 -35.23 4.12
CA PHE F 183 -6.38 -35.93 5.33
C PHE F 183 -7.90 -36.19 5.32
N GLY F 184 -8.46 -36.34 4.12
CA GLY F 184 -9.89 -36.58 3.97
C GLY F 184 -10.37 -37.84 4.64
N SER F 185 -9.59 -38.90 4.50
CA SER F 185 -9.94 -40.19 5.10
C SER F 185 -10.12 -40.08 6.60
N PHE F 186 -9.37 -39.19 7.24
CA PHE F 186 -9.42 -39.07 8.68
C PHE F 186 -10.73 -38.53 9.12
N TYR F 187 -11.20 -37.48 8.43
CA TYR F 187 -12.51 -36.90 8.74
C TYR F 187 -13.62 -37.88 8.42
N GLU F 188 -13.52 -38.50 7.24
CA GLU F 188 -14.44 -39.52 6.76
C GLU F 188 -14.62 -40.64 7.80
N LYS F 189 -13.52 -41.05 8.42
CA LYS F 189 -13.51 -42.12 9.42
C LYS F 189 -14.30 -41.77 10.66
N TYR F 190 -14.18 -40.53 11.13
CA TYR F 190 -14.81 -40.12 12.40
C TYR F 190 -16.12 -39.39 12.31
N ILE F 191 -16.34 -38.62 11.23
CA ILE F 191 -17.58 -37.83 11.07
C ILE F 191 -18.86 -38.69 10.87
N ASN F 192 -18.72 -40.00 10.73
CA ASN F 192 -19.89 -40.91 10.66
C ASN F 192 -20.69 -40.90 11.97
#